data_2EOI
#
_entry.id   2EOI
#
loop_
_entity.id
_entity.type
_entity.pdbx_description
1 polymer 'Zinc finger protein 268'
2 non-polymer 'ZINC ION'
#
_entity_poly.entity_id   1
_entity_poly.type   'polypeptide(L)'
_entity_poly.pdbx_seq_one_letter_code
;GSSGSSGEKLHECSECRKTFSFHSQLVIHQRIHTGENPSGPSSG
;
_entity_poly.pdbx_strand_id   A
#
loop_
_chem_comp.id
_chem_comp.type
_chem_comp.name
_chem_comp.formula
ZN non-polymer 'ZINC ION' 'Zn 2'
#
# COMPACT_ATOMS: atom_id res chain seq x y z
N GLY A 1 24.62 7.46 6.80
CA GLY A 1 23.86 6.59 7.68
C GLY A 1 24.15 5.13 7.42
N SER A 2 24.89 4.50 8.35
CA SER A 2 25.24 3.09 8.22
C SER A 2 24.02 2.21 8.47
N SER A 3 23.53 1.58 7.41
CA SER A 3 22.37 0.70 7.51
C SER A 3 22.69 -0.52 8.35
N GLY A 4 21.96 -0.69 9.45
CA GLY A 4 22.18 -1.83 10.32
C GLY A 4 22.25 -3.14 9.56
N SER A 5 21.11 -3.63 9.11
CA SER A 5 21.06 -4.88 8.37
C SER A 5 19.80 -4.94 7.49
N SER A 6 19.98 -5.36 6.24
CA SER A 6 18.87 -5.47 5.30
C SER A 6 18.79 -6.86 4.69
N GLY A 7 17.74 -7.12 3.94
CA GLY A 7 17.56 -8.42 3.30
C GLY A 7 16.80 -8.33 2.00
N GLU A 8 15.52 -8.66 2.05
CA GLU A 8 14.67 -8.62 0.86
C GLU A 8 13.80 -7.36 0.84
N LYS A 9 14.01 -6.53 -0.17
CA LYS A 9 13.26 -5.28 -0.30
C LYS A 9 11.75 -5.56 -0.28
N LEU A 10 11.14 -5.36 0.87
CA LEU A 10 9.70 -5.58 1.03
C LEU A 10 8.90 -4.66 0.10
N HIS A 11 7.62 -4.96 -0.06
CA HIS A 11 6.75 -4.15 -0.90
C HIS A 11 5.92 -3.19 -0.07
N GLU A 12 5.41 -2.14 -0.71
CA GLU A 12 4.60 -1.14 -0.03
C GLU A 12 3.66 -0.45 -1.00
N CYS A 13 2.64 0.21 -0.46
CA CYS A 13 1.66 0.92 -1.28
C CYS A 13 2.29 2.18 -1.88
N SER A 14 1.57 2.79 -2.84
CA SER A 14 2.04 3.99 -3.49
C SER A 14 1.21 5.21 -3.09
N GLU A 15 0.06 4.94 -2.46
CA GLU A 15 -0.83 6.00 -2.03
C GLU A 15 -0.66 6.28 -0.54
N CYS A 16 -0.61 5.21 0.26
CA CYS A 16 -0.45 5.35 1.70
C CYS A 16 0.99 5.02 2.12
N ARG A 17 1.72 4.35 1.23
CA ARG A 17 3.10 3.97 1.50
C ARG A 17 3.18 3.02 2.69
N LYS A 18 2.30 2.02 2.69
CA LYS A 18 2.27 1.04 3.77
C LYS A 18 2.90 -0.28 3.32
N THR A 19 3.74 -0.85 4.19
CA THR A 19 4.41 -2.11 3.88
C THR A 19 3.50 -3.30 4.19
N PHE A 20 3.75 -4.41 3.51
CA PHE A 20 2.96 -5.63 3.72
C PHE A 20 3.87 -6.85 3.78
N SER A 21 3.47 -7.83 4.59
CA SER A 21 4.25 -9.05 4.75
C SER A 21 4.58 -9.65 3.40
N PHE A 22 3.60 -9.68 2.49
CA PHE A 22 3.80 -10.23 1.17
C PHE A 22 3.07 -9.39 0.12
N HIS A 23 3.78 -9.08 -0.97
CA HIS A 23 3.20 -8.28 -2.05
C HIS A 23 1.75 -8.69 -2.32
N SER A 24 1.54 -10.00 -2.44
CA SER A 24 0.20 -10.52 -2.71
C SER A 24 -0.86 -9.68 -2.01
N GLN A 25 -0.67 -9.44 -0.72
CA GLN A 25 -1.62 -8.65 0.06
C GLN A 25 -1.63 -7.21 -0.42
N LEU A 26 -0.46 -6.60 -0.53
CA LEU A 26 -0.34 -5.22 -0.98
C LEU A 26 -1.28 -4.94 -2.15
N VAL A 27 -1.04 -5.63 -3.27
CA VAL A 27 -1.86 -5.46 -4.46
C VAL A 27 -3.33 -5.39 -4.11
N ILE A 28 -3.75 -6.23 -3.17
CA ILE A 28 -5.14 -6.25 -2.73
C ILE A 28 -5.52 -4.97 -1.99
N HIS A 29 -4.57 -4.43 -1.23
CA HIS A 29 -4.80 -3.21 -0.48
C HIS A 29 -5.04 -2.03 -1.42
N GLN A 30 -4.10 -1.82 -2.34
CA GLN A 30 -4.20 -0.73 -3.30
C GLN A 30 -5.64 -0.56 -3.77
N ARG A 31 -6.41 -1.64 -3.73
CA ARG A 31 -7.80 -1.61 -4.16
C ARG A 31 -8.60 -0.60 -3.34
N ILE A 32 -8.58 -0.76 -2.03
CA ILE A 32 -9.30 0.13 -1.14
C ILE A 32 -9.31 1.56 -1.68
N HIS A 33 -8.17 1.99 -2.22
CA HIS A 33 -8.04 3.33 -2.78
C HIS A 33 -8.90 3.48 -4.03
N THR A 34 -8.68 2.61 -5.01
CA THR A 34 -9.43 2.65 -6.26
C THR A 34 -10.89 2.26 -6.04
N GLY A 35 -11.74 3.26 -5.84
CA GLY A 35 -13.14 3.00 -5.61
C GLY A 35 -14.03 3.63 -6.68
N GLU A 36 -15.15 4.19 -6.26
CA GLU A 36 -16.09 4.82 -7.19
C GLU A 36 -15.42 5.96 -7.94
N ASN A 37 -16.04 6.38 -9.04
CA ASN A 37 -15.50 7.47 -9.86
C ASN A 37 -16.37 8.71 -9.75
N PRO A 38 -16.18 9.48 -8.66
CA PRO A 38 -16.94 10.70 -8.42
C PRO A 38 -16.57 11.83 -9.40
N SER A 39 -15.27 12.00 -9.62
CA SER A 39 -14.78 13.03 -10.53
C SER A 39 -15.52 12.97 -11.86
N GLY A 40 -16.18 14.05 -12.22
CA GLY A 40 -16.90 14.10 -13.48
C GLY A 40 -17.46 15.48 -13.78
N PRO A 41 -18.13 15.61 -14.93
CA PRO A 41 -18.73 16.89 -15.36
C PRO A 41 -19.91 17.29 -14.50
N SER A 42 -20.49 16.33 -13.79
CA SER A 42 -21.63 16.58 -12.93
C SER A 42 -21.39 17.81 -12.05
N SER A 43 -22.18 18.85 -12.28
CA SER A 43 -22.04 20.09 -11.51
C SER A 43 -22.89 20.03 -10.24
N GLY A 44 -24.12 19.56 -10.38
CA GLY A 44 -25.01 19.46 -9.23
C GLY A 44 -24.43 18.62 -8.12
ZN ZN B . -2.71 2.21 0.20
N GLY A 1 7.75 2.07 20.22
CA GLY A 1 8.81 1.86 19.26
C GLY A 1 8.90 0.42 18.80
N SER A 2 8.91 0.21 17.48
CA SER A 2 9.00 -1.13 16.92
C SER A 2 10.33 -1.34 16.23
N SER A 3 11.33 -1.79 17.00
CA SER A 3 12.66 -2.03 16.48
C SER A 3 12.81 -3.48 16.04
N GLY A 4 13.28 -3.68 14.81
CA GLY A 4 13.47 -5.02 14.30
C GLY A 4 13.50 -5.07 12.79
N SER A 5 14.29 -5.99 12.24
CA SER A 5 14.42 -6.12 10.79
C SER A 5 14.40 -7.59 10.38
N SER A 6 13.40 -7.96 9.58
CA SER A 6 13.25 -9.34 9.12
C SER A 6 13.50 -9.44 7.62
N GLY A 7 12.81 -8.59 6.86
CA GLY A 7 12.96 -8.59 5.42
C GLY A 7 13.24 -7.22 4.86
N GLU A 8 14.53 -6.89 4.70
CA GLU A 8 14.92 -5.59 4.18
C GLU A 8 14.22 -5.30 2.86
N LYS A 9 13.72 -6.35 2.21
CA LYS A 9 13.03 -6.21 0.94
C LYS A 9 11.53 -6.49 1.10
N LEU A 10 10.75 -5.43 1.24
CA LEU A 10 9.30 -5.57 1.40
C LEU A 10 8.56 -4.52 0.57
N HIS A 11 7.58 -4.98 -0.21
CA HIS A 11 6.80 -4.08 -1.05
C HIS A 11 6.03 -3.08 -0.20
N GLU A 12 5.47 -2.06 -0.85
CA GLU A 12 4.72 -1.03 -0.14
C GLU A 12 3.70 -0.38 -1.07
N CYS A 13 2.76 0.36 -0.49
CA CYS A 13 1.72 1.03 -1.26
C CYS A 13 2.26 2.31 -1.89
N SER A 14 1.44 2.94 -2.73
CA SER A 14 1.85 4.17 -3.40
C SER A 14 1.04 5.36 -2.87
N GLU A 15 -0.15 5.08 -2.35
CA GLU A 15 -1.01 6.13 -1.81
C GLU A 15 -0.71 6.38 -0.33
N CYS A 16 -0.65 5.30 0.44
CA CYS A 16 -0.39 5.39 1.87
C CYS A 16 1.06 5.00 2.17
N ARG A 17 1.71 4.37 1.20
CA ARG A 17 3.09 3.94 1.37
C ARG A 17 3.23 2.96 2.52
N LYS A 18 2.26 2.05 2.63
CA LYS A 18 2.28 1.05 3.69
C LYS A 18 2.95 -0.23 3.22
N THR A 19 3.77 -0.81 4.09
CA THR A 19 4.49 -2.04 3.78
C THR A 19 3.61 -3.27 4.01
N PHE A 20 3.88 -4.35 3.28
CA PHE A 20 3.12 -5.57 3.41
C PHE A 20 4.03 -6.79 3.37
N SER A 21 3.83 -7.72 4.30
CA SER A 21 4.65 -8.93 4.36
C SER A 21 4.58 -9.69 3.04
N PHE A 22 3.37 -9.87 2.54
CA PHE A 22 3.18 -10.59 1.27
C PHE A 22 2.68 -9.65 0.18
N HIS A 23 3.45 -9.54 -0.89
CA HIS A 23 3.08 -8.67 -2.00
C HIS A 23 1.61 -8.86 -2.38
N SER A 24 1.19 -10.12 -2.50
CA SER A 24 -0.18 -10.43 -2.86
C SER A 24 -1.17 -9.53 -2.13
N GLN A 25 -0.93 -9.34 -0.83
CA GLN A 25 -1.79 -8.49 -0.02
C GLN A 25 -1.80 -7.07 -0.54
N LEU A 26 -0.62 -6.45 -0.60
CA LEU A 26 -0.49 -5.08 -1.08
C LEU A 26 -1.47 -4.80 -2.21
N VAL A 27 -1.22 -5.43 -3.36
CA VAL A 27 -2.09 -5.25 -4.52
C VAL A 27 -3.56 -5.16 -4.10
N ILE A 28 -3.98 -6.08 -3.23
CA ILE A 28 -5.36 -6.10 -2.76
C ILE A 28 -5.69 -4.84 -1.98
N HIS A 29 -4.74 -4.37 -1.19
CA HIS A 29 -4.92 -3.16 -0.39
C HIS A 29 -5.11 -1.94 -1.28
N GLN A 30 -4.12 -1.69 -2.15
CA GLN A 30 -4.19 -0.55 -3.05
C GLN A 30 -5.61 -0.30 -3.53
N ARG A 31 -6.39 -1.37 -3.62
CA ARG A 31 -7.77 -1.27 -4.08
C ARG A 31 -8.54 -0.26 -3.23
N ILE A 32 -8.57 -0.48 -1.92
CA ILE A 32 -9.27 0.41 -1.01
C ILE A 32 -9.19 1.86 -1.48
N HIS A 33 -8.06 2.21 -2.09
CA HIS A 33 -7.85 3.57 -2.59
C HIS A 33 -8.59 3.78 -3.90
N THR A 34 -8.29 2.93 -4.89
CA THR A 34 -8.92 3.02 -6.20
C THR A 34 -9.81 1.81 -6.47
N GLY A 35 -11.11 1.98 -6.25
CA GLY A 35 -12.04 0.90 -6.47
C GLY A 35 -13.07 0.78 -5.37
N GLU A 36 -14.17 0.09 -5.65
CA GLU A 36 -15.24 -0.09 -4.67
C GLU A 36 -15.36 -1.56 -4.26
N ASN A 37 -14.90 -1.89 -3.07
CA ASN A 37 -14.97 -3.25 -2.56
C ASN A 37 -15.78 -3.32 -1.27
N PRO A 38 -16.32 -4.52 -0.98
CA PRO A 38 -17.13 -4.74 0.23
C PRO A 38 -16.28 -4.70 1.49
N SER A 39 -14.97 -4.55 1.34
CA SER A 39 -14.06 -4.50 2.46
C SER A 39 -12.92 -3.53 2.21
N GLY A 40 -12.60 -2.72 3.22
CA GLY A 40 -11.53 -1.75 3.08
C GLY A 40 -11.92 -0.38 3.60
N PRO A 41 -11.80 -0.18 4.92
CA PRO A 41 -12.13 1.09 5.57
C PRO A 41 -11.15 2.20 5.22
N SER A 42 -11.68 3.31 4.71
CA SER A 42 -10.86 4.45 4.33
C SER A 42 -9.89 4.82 5.44
N SER A 43 -10.41 4.91 6.66
CA SER A 43 -9.60 5.26 7.82
C SER A 43 -8.23 4.59 7.74
N GLY A 44 -7.22 5.27 8.28
CA GLY A 44 -5.87 4.73 8.26
C GLY A 44 -5.06 5.23 7.09
ZN ZN B . -2.54 2.16 0.48
N GLY A 1 22.06 12.40 3.91
CA GLY A 1 23.16 11.88 4.70
C GLY A 1 23.45 10.42 4.42
N SER A 2 24.00 9.72 5.41
CA SER A 2 24.33 8.31 5.25
C SER A 2 23.59 7.47 6.29
N SER A 3 22.32 7.17 6.00
CA SER A 3 21.50 6.37 6.91
C SER A 3 22.31 5.22 7.51
N GLY A 4 22.91 4.42 6.62
CA GLY A 4 23.70 3.29 7.07
C GLY A 4 23.32 2.00 6.37
N SER A 5 23.24 0.92 7.13
CA SER A 5 22.89 -0.38 6.57
C SER A 5 21.37 -0.60 6.60
N SER A 6 20.82 -0.99 5.45
CA SER A 6 19.39 -1.22 5.34
C SER A 6 19.11 -2.61 4.75
N GLY A 7 18.28 -3.37 5.45
CA GLY A 7 17.94 -4.71 5.00
C GLY A 7 16.44 -4.95 4.96
N GLU A 8 15.74 -4.20 4.12
CA GLU A 8 14.30 -4.34 4.00
C GLU A 8 13.85 -4.15 2.55
N LYS A 9 13.41 -5.24 1.93
CA LYS A 9 12.96 -5.20 0.54
C LYS A 9 11.48 -5.57 0.44
N LEU A 10 10.71 -5.22 1.48
CA LEU A 10 9.29 -5.50 1.51
C LEU A 10 8.51 -4.51 0.64
N HIS A 11 7.50 -5.02 -0.06
CA HIS A 11 6.68 -4.18 -0.93
C HIS A 11 5.80 -3.24 -0.11
N GLU A 12 5.44 -2.10 -0.70
CA GLU A 12 4.61 -1.12 -0.02
C GLU A 12 3.62 -0.49 -0.99
N CYS A 13 2.74 0.36 -0.46
CA CYS A 13 1.74 1.03 -1.27
C CYS A 13 2.31 2.30 -1.91
N SER A 14 1.56 2.87 -2.86
CA SER A 14 2.00 4.08 -3.53
C SER A 14 1.14 5.28 -3.13
N GLU A 15 -0.01 4.99 -2.53
CA GLU A 15 -0.92 6.04 -2.09
C GLU A 15 -0.72 6.36 -0.61
N CYS A 16 -0.66 5.32 0.21
CA CYS A 16 -0.47 5.49 1.64
C CYS A 16 0.94 5.06 2.06
N ARG A 17 1.62 4.36 1.16
CA ARG A 17 2.97 3.89 1.44
C ARG A 17 2.97 2.89 2.60
N LYS A 18 2.06 1.93 2.54
CA LYS A 18 1.96 0.92 3.59
C LYS A 18 2.68 -0.37 3.18
N THR A 19 3.52 -0.88 4.06
CA THR A 19 4.27 -2.09 3.79
C THR A 19 3.43 -3.33 4.08
N PHE A 20 3.79 -4.46 3.47
CA PHE A 20 3.07 -5.70 3.66
C PHE A 20 4.03 -6.89 3.65
N SER A 21 3.71 -7.91 4.44
CA SER A 21 4.53 -9.10 4.53
C SER A 21 4.83 -9.66 3.14
N PHE A 22 3.80 -9.71 2.30
CA PHE A 22 3.94 -10.23 0.94
C PHE A 22 3.23 -9.33 -0.06
N HIS A 23 3.82 -9.18 -1.24
CA HIS A 23 3.23 -8.35 -2.29
C HIS A 23 1.76 -8.73 -2.52
N SER A 24 1.50 -10.02 -2.56
CA SER A 24 0.14 -10.52 -2.79
C SER A 24 -0.87 -9.65 -2.06
N GLN A 25 -0.73 -9.55 -0.74
CA GLN A 25 -1.65 -8.75 0.07
C GLN A 25 -1.68 -7.30 -0.41
N LEU A 26 -0.50 -6.68 -0.46
CA LEU A 26 -0.39 -5.29 -0.91
C LEU A 26 -1.36 -5.01 -2.05
N VAL A 27 -1.17 -5.71 -3.17
CA VAL A 27 -2.02 -5.54 -4.34
C VAL A 27 -3.49 -5.42 -3.93
N ILE A 28 -3.91 -6.25 -2.98
CA ILE A 28 -5.28 -6.24 -2.51
C ILE A 28 -5.61 -4.92 -1.81
N HIS A 29 -4.66 -4.42 -1.04
CA HIS A 29 -4.84 -3.17 -0.31
C HIS A 29 -5.00 -2.00 -1.29
N GLN A 30 -4.03 -1.86 -2.19
CA GLN A 30 -4.07 -0.78 -3.17
C GLN A 30 -5.50 -0.54 -3.67
N ARG A 31 -6.32 -1.58 -3.61
CA ARG A 31 -7.70 -1.48 -4.06
C ARG A 31 -8.45 -0.41 -3.27
N ILE A 32 -8.45 -0.54 -1.95
CA ILE A 32 -9.12 0.41 -1.09
C ILE A 32 -9.04 1.83 -1.66
N HIS A 33 -7.94 2.12 -2.36
CA HIS A 33 -7.74 3.43 -2.95
C HIS A 33 -8.57 3.59 -4.21
N THR A 34 -8.48 2.61 -5.10
CA THR A 34 -9.23 2.63 -6.36
C THR A 34 -10.61 2.04 -6.18
N GLY A 35 -11.61 2.91 -5.99
CA GLY A 35 -12.97 2.45 -5.81
C GLY A 35 -13.95 3.60 -5.70
N GLU A 36 -14.38 3.91 -4.48
CA GLU A 36 -15.33 4.98 -4.23
C GLU A 36 -14.61 6.24 -3.75
N ASN A 37 -14.15 7.05 -4.68
CA ASN A 37 -13.44 8.29 -4.34
C ASN A 37 -13.61 9.33 -5.44
N PRO A 38 -13.53 10.61 -5.05
CA PRO A 38 -13.67 11.73 -5.99
C PRO A 38 -12.49 11.85 -6.94
N SER A 39 -11.42 11.10 -6.65
CA SER A 39 -10.22 11.12 -7.47
C SER A 39 -10.53 10.65 -8.89
N GLY A 40 -11.26 9.54 -9.00
CA GLY A 40 -11.62 9.01 -10.30
C GLY A 40 -10.66 7.93 -10.76
N PRO A 41 -11.19 6.94 -11.49
CA PRO A 41 -10.39 5.82 -12.00
C PRO A 41 -9.44 6.25 -13.11
N SER A 42 -8.14 6.04 -12.88
CA SER A 42 -7.13 6.40 -13.86
C SER A 42 -7.31 5.62 -15.16
N SER A 43 -6.75 6.15 -16.24
CA SER A 43 -6.85 5.51 -17.55
C SER A 43 -6.74 3.99 -17.41
N GLY A 44 -7.82 3.30 -17.74
CA GLY A 44 -7.83 1.84 -17.65
C GLY A 44 -8.88 1.33 -16.68
ZN ZN B . -2.56 2.26 0.28
N GLY A 1 19.11 -0.57 4.27
CA GLY A 1 19.86 -0.87 3.07
C GLY A 1 20.07 0.34 2.19
N SER A 2 21.32 0.74 2.03
CA SER A 2 21.65 1.90 1.21
C SER A 2 22.41 1.48 -0.05
N SER A 3 22.30 2.29 -1.10
CA SER A 3 22.97 2.01 -2.36
C SER A 3 24.34 1.37 -2.12
N GLY A 4 24.47 0.10 -2.45
CA GLY A 4 25.73 -0.60 -2.27
C GLY A 4 25.59 -2.10 -2.47
N SER A 5 25.58 -2.83 -1.36
CA SER A 5 25.47 -4.29 -1.42
C SER A 5 24.03 -4.74 -1.14
N SER A 6 23.43 -4.15 -0.12
CA SER A 6 22.05 -4.48 0.25
C SER A 6 21.11 -4.29 -0.92
N GLY A 7 20.20 -5.24 -1.12
CA GLY A 7 19.25 -5.15 -2.21
C GLY A 7 17.99 -5.94 -1.94
N GLU A 8 17.32 -5.64 -0.83
CA GLU A 8 16.10 -6.34 -0.47
C GLU A 8 15.18 -5.44 0.37
N LYS A 9 13.89 -5.48 0.07
CA LYS A 9 12.91 -4.67 0.78
C LYS A 9 11.49 -5.08 0.43
N LEU A 10 10.66 -5.29 1.44
CA LEU A 10 9.28 -5.69 1.23
C LEU A 10 8.53 -4.64 0.40
N HIS A 11 7.45 -5.07 -0.25
CA HIS A 11 6.65 -4.18 -1.09
C HIS A 11 5.87 -3.20 -0.22
N GLU A 12 5.39 -2.12 -0.84
CA GLU A 12 4.63 -1.11 -0.13
C GLU A 12 3.66 -0.41 -1.07
N CYS A 13 2.68 0.27 -0.48
CA CYS A 13 1.66 0.99 -1.27
C CYS A 13 2.26 2.24 -1.90
N SER A 14 1.47 2.91 -2.74
CA SER A 14 1.92 4.12 -3.41
C SER A 14 1.18 5.34 -2.88
N GLU A 15 -0.04 5.12 -2.40
CA GLU A 15 -0.86 6.21 -1.87
C GLU A 15 -0.59 6.40 -0.38
N CYS A 16 -0.59 5.30 0.37
CA CYS A 16 -0.36 5.34 1.80
C CYS A 16 1.10 5.00 2.12
N ARG A 17 1.76 4.33 1.18
CA ARG A 17 3.15 3.93 1.36
C ARG A 17 3.28 2.96 2.53
N LYS A 18 2.31 2.06 2.66
CA LYS A 18 2.32 1.07 3.74
C LYS A 18 3.00 -0.22 3.28
N THR A 19 3.86 -0.76 4.13
CA THR A 19 4.58 -2.00 3.82
C THR A 19 3.73 -3.22 4.14
N PHE A 20 3.86 -4.25 3.30
CA PHE A 20 3.10 -5.48 3.50
C PHE A 20 4.03 -6.69 3.52
N SER A 21 3.59 -7.75 4.18
CA SER A 21 4.39 -8.97 4.28
C SER A 21 4.53 -9.64 2.91
N PHE A 22 3.41 -9.78 2.22
CA PHE A 22 3.40 -10.41 0.90
C PHE A 22 2.74 -9.51 -0.13
N HIS A 23 3.48 -9.17 -1.18
CA HIS A 23 2.95 -8.32 -2.23
C HIS A 23 1.48 -8.60 -2.50
N SER A 24 1.14 -9.88 -2.64
CA SER A 24 -0.23 -10.29 -2.90
C SER A 24 -1.21 -9.40 -2.15
N GLN A 25 -0.93 -9.18 -0.86
CA GLN A 25 -1.79 -8.35 -0.03
C GLN A 25 -1.86 -6.93 -0.57
N LEU A 26 -0.71 -6.28 -0.67
CA LEU A 26 -0.65 -4.90 -1.17
C LEU A 26 -1.66 -4.69 -2.29
N VAL A 27 -1.43 -5.35 -3.42
CA VAL A 27 -2.33 -5.23 -4.57
C VAL A 27 -3.79 -5.20 -4.13
N ILE A 28 -4.12 -6.03 -3.15
CA ILE A 28 -5.48 -6.10 -2.64
C ILE A 28 -5.82 -4.85 -1.83
N HIS A 29 -4.84 -4.32 -1.13
CA HIS A 29 -5.02 -3.13 -0.32
C HIS A 29 -5.24 -1.90 -1.19
N GLN A 30 -4.32 -1.68 -2.13
CA GLN A 30 -4.40 -0.55 -3.04
C GLN A 30 -5.85 -0.29 -3.45
N ARG A 31 -6.66 -1.33 -3.42
CA ARG A 31 -8.07 -1.22 -3.80
C ARG A 31 -8.78 -0.20 -2.92
N ILE A 32 -8.73 -0.42 -1.61
CA ILE A 32 -9.37 0.47 -0.66
C ILE A 32 -9.29 1.92 -1.11
N HIS A 33 -8.20 2.25 -1.80
CA HIS A 33 -7.99 3.60 -2.31
C HIS A 33 -8.90 3.88 -3.51
N THR A 34 -8.72 3.11 -4.57
CA THR A 34 -9.52 3.27 -5.77
C THR A 34 -10.17 1.96 -6.18
N GLY A 35 -9.45 0.86 -6.01
CA GLY A 35 -9.97 -0.44 -6.36
C GLY A 35 -10.86 -0.40 -7.59
N GLU A 36 -12.15 -0.64 -7.39
CA GLU A 36 -13.11 -0.63 -8.50
C GLU A 36 -14.33 0.21 -8.14
N ASN A 37 -15.20 0.44 -9.12
CA ASN A 37 -16.40 1.22 -8.92
C ASN A 37 -17.49 0.81 -9.91
N PRO A 38 -18.75 0.84 -9.45
CA PRO A 38 -19.90 0.48 -10.27
C PRO A 38 -20.18 1.50 -11.37
N SER A 39 -19.64 1.27 -12.55
CA SER A 39 -19.82 2.19 -13.67
C SER A 39 -20.43 1.46 -14.87
N GLY A 40 -19.90 0.27 -15.16
CA GLY A 40 -20.40 -0.51 -16.28
C GLY A 40 -19.29 -1.10 -17.12
N PRO A 41 -19.54 -2.30 -17.67
CA PRO A 41 -18.57 -3.01 -18.51
C PRO A 41 -18.34 -2.33 -19.85
N SER A 42 -17.27 -1.54 -19.95
CA SER A 42 -16.95 -0.83 -21.17
C SER A 42 -16.09 -1.68 -22.10
N SER A 43 -16.31 -1.53 -23.40
CA SER A 43 -15.56 -2.29 -24.39
C SER A 43 -14.09 -2.38 -24.02
N GLY A 44 -13.61 -3.61 -23.80
CA GLY A 44 -12.22 -3.81 -23.43
C GLY A 44 -12.05 -4.21 -21.98
ZN ZN B . -2.56 2.20 0.43
N GLY A 1 13.05 12.44 13.39
CA GLY A 1 13.95 11.60 12.62
C GLY A 1 13.29 11.03 11.38
N SER A 2 13.97 11.15 10.25
CA SER A 2 13.45 10.63 8.98
C SER A 2 13.96 9.23 8.71
N SER A 3 13.15 8.44 8.02
CA SER A 3 13.53 7.06 7.69
C SER A 3 12.49 6.42 6.76
N GLY A 4 12.95 5.98 5.59
CA GLY A 4 12.05 5.37 4.64
C GLY A 4 12.26 3.87 4.52
N SER A 5 13.30 3.48 3.79
CA SER A 5 13.61 2.07 3.59
C SER A 5 15.02 1.75 4.09
N SER A 6 15.10 0.96 5.15
CA SER A 6 16.38 0.58 5.73
C SER A 6 16.48 -0.93 5.90
N GLY A 7 15.43 -1.54 6.44
CA GLY A 7 15.41 -2.97 6.65
C GLY A 7 15.43 -3.74 5.35
N GLU A 8 14.26 -3.99 4.78
CA GLU A 8 14.14 -4.72 3.53
C GLU A 8 13.32 -3.94 2.51
N LYS A 9 13.32 -4.41 1.27
CA LYS A 9 12.58 -3.77 0.19
C LYS A 9 11.13 -4.23 0.19
N LEU A 10 10.62 -4.60 1.36
CA LEU A 10 9.25 -5.06 1.48
C LEU A 10 8.31 -4.27 0.57
N HIS A 11 7.43 -4.96 -0.13
CA HIS A 11 6.48 -4.33 -1.03
C HIS A 11 5.53 -3.43 -0.27
N GLU A 12 5.50 -2.15 -0.63
CA GLU A 12 4.62 -1.19 0.03
C GLU A 12 3.69 -0.52 -0.98
N CYS A 13 2.73 0.26 -0.47
CA CYS A 13 1.77 0.95 -1.33
C CYS A 13 2.38 2.23 -1.88
N SER A 14 1.67 2.85 -2.82
CA SER A 14 2.14 4.09 -3.43
C SER A 14 1.27 5.27 -3.02
N GLU A 15 0.10 4.96 -2.46
CA GLU A 15 -0.83 6.00 -2.02
C GLU A 15 -0.66 6.27 -0.53
N CYS A 16 -0.63 5.22 0.27
CA CYS A 16 -0.47 5.35 1.72
C CYS A 16 0.95 4.98 2.14
N ARG A 17 1.69 4.35 1.24
CA ARG A 17 3.05 3.94 1.53
C ARG A 17 3.10 2.94 2.68
N LYS A 18 2.17 2.00 2.67
CA LYS A 18 2.10 0.98 3.71
C LYS A 18 2.81 -0.30 3.28
N THR A 19 3.67 -0.82 4.14
CA THR A 19 4.40 -2.05 3.84
C THR A 19 3.58 -3.28 4.18
N PHE A 20 3.76 -4.33 3.39
CA PHE A 20 3.02 -5.58 3.60
C PHE A 20 3.97 -6.78 3.60
N SER A 21 3.68 -7.75 4.45
CA SER A 21 4.51 -8.95 4.55
C SER A 21 4.75 -9.57 3.18
N PHE A 22 3.70 -9.61 2.37
CA PHE A 22 3.79 -10.18 1.04
C PHE A 22 3.08 -9.28 0.02
N HIS A 23 3.62 -9.24 -1.20
CA HIS A 23 3.04 -8.42 -2.26
C HIS A 23 1.57 -8.78 -2.48
N SER A 24 1.27 -10.08 -2.50
CA SER A 24 -0.09 -10.54 -2.71
C SER A 24 -1.09 -9.66 -1.96
N GLN A 25 -0.78 -9.34 -0.71
CA GLN A 25 -1.64 -8.49 0.10
C GLN A 25 -1.68 -7.07 -0.44
N LEU A 26 -0.51 -6.46 -0.58
CA LEU A 26 -0.42 -5.09 -1.08
C LEU A 26 -1.39 -4.88 -2.24
N VAL A 27 -1.22 -5.66 -3.30
CA VAL A 27 -2.08 -5.55 -4.47
C VAL A 27 -3.55 -5.45 -4.06
N ILE A 28 -3.96 -6.30 -3.13
CA ILE A 28 -5.33 -6.30 -2.65
C ILE A 28 -5.67 -4.99 -1.94
N HIS A 29 -4.71 -4.45 -1.22
CA HIS A 29 -4.90 -3.20 -0.49
C HIS A 29 -5.11 -2.04 -1.46
N GLN A 30 -4.18 -1.87 -2.39
CA GLN A 30 -4.26 -0.81 -3.38
C GLN A 30 -5.70 -0.59 -3.83
N ARG A 31 -6.50 -1.65 -3.76
CA ARG A 31 -7.90 -1.58 -4.16
C ARG A 31 -8.64 -0.50 -3.37
N ILE A 32 -8.59 -0.62 -2.05
CA ILE A 32 -9.25 0.33 -1.17
C ILE A 32 -9.13 1.76 -1.71
N HIS A 33 -8.05 2.01 -2.44
CA HIS A 33 -7.81 3.33 -3.02
C HIS A 33 -8.54 3.47 -4.36
N THR A 34 -8.28 2.55 -5.27
CA THR A 34 -8.91 2.58 -6.59
C THR A 34 -10.42 2.43 -6.48
N GLY A 35 -10.90 2.13 -5.27
CA GLY A 35 -12.32 1.97 -5.06
C GLY A 35 -13.01 3.29 -4.75
N GLU A 36 -13.29 3.52 -3.48
CA GLU A 36 -13.95 4.76 -3.05
C GLU A 36 -13.03 5.95 -3.21
N ASN A 37 -13.09 6.60 -4.38
CA ASN A 37 -12.26 7.76 -4.66
C ASN A 37 -12.70 8.44 -5.96
N PRO A 38 -12.64 9.78 -5.97
CA PRO A 38 -13.03 10.58 -7.14
C PRO A 38 -12.05 10.42 -8.30
N SER A 39 -12.29 9.42 -9.14
CA SER A 39 -11.43 9.15 -10.29
C SER A 39 -11.27 10.40 -11.14
N GLY A 40 -10.04 10.65 -11.60
CA GLY A 40 -9.77 11.81 -12.42
C GLY A 40 -8.39 11.79 -13.02
N PRO A 41 -8.23 12.40 -14.20
CA PRO A 41 -6.95 12.46 -14.91
C PRO A 41 -5.95 13.37 -14.20
N SER A 42 -5.20 12.80 -13.27
CA SER A 42 -4.21 13.56 -12.52
C SER A 42 -2.84 13.49 -13.18
N SER A 43 -2.27 12.28 -13.22
CA SER A 43 -0.96 12.07 -13.84
C SER A 43 -0.62 10.59 -13.88
N GLY A 44 -0.17 10.13 -15.05
CA GLY A 44 0.19 8.73 -15.19
C GLY A 44 -0.27 8.15 -16.52
ZN ZN B . -2.55 2.26 0.03
N GLY A 1 20.98 -10.25 14.71
CA GLY A 1 21.57 -10.60 13.44
C GLY A 1 22.72 -9.69 13.07
N SER A 2 23.42 -10.02 11.99
CA SER A 2 24.55 -9.23 11.54
C SER A 2 24.13 -7.81 11.21
N SER A 3 22.88 -7.65 10.77
CA SER A 3 22.36 -6.33 10.43
C SER A 3 23.43 -5.45 9.82
N GLY A 4 24.23 -6.02 8.92
CA GLY A 4 25.29 -5.27 8.28
C GLY A 4 24.87 -4.69 6.94
N SER A 5 24.51 -5.57 6.01
CA SER A 5 24.08 -5.13 4.68
C SER A 5 22.60 -5.39 4.47
N SER A 6 22.09 -4.99 3.31
CA SER A 6 20.69 -5.18 2.98
C SER A 6 20.49 -6.43 2.11
N GLY A 7 19.43 -7.18 2.40
CA GLY A 7 19.15 -8.39 1.64
C GLY A 7 17.67 -8.61 1.44
N GLU A 8 16.88 -8.30 2.47
CA GLU A 8 15.43 -8.48 2.40
C GLU A 8 14.77 -7.28 1.73
N LYS A 9 13.57 -7.50 1.20
CA LYS A 9 12.82 -6.43 0.53
C LYS A 9 11.34 -6.52 0.86
N LEU A 10 10.75 -5.38 1.21
CA LEU A 10 9.33 -5.33 1.54
C LEU A 10 8.57 -4.46 0.55
N HIS A 11 7.41 -4.96 0.10
CA HIS A 11 6.59 -4.23 -0.85
C HIS A 11 5.66 -3.25 -0.13
N GLU A 12 5.78 -1.97 -0.49
CA GLU A 12 4.96 -0.94 0.12
C GLU A 12 4.01 -0.32 -0.91
N CYS A 13 2.93 0.30 -0.42
CA CYS A 13 1.95 0.93 -1.29
C CYS A 13 2.51 2.21 -1.91
N SER A 14 1.76 2.79 -2.83
CA SER A 14 2.19 4.03 -3.50
C SER A 14 1.31 5.20 -3.08
N GLU A 15 0.10 4.89 -2.60
CA GLU A 15 -0.83 5.92 -2.16
C GLU A 15 -0.65 6.23 -0.68
N CYS A 16 -0.62 5.17 0.13
CA CYS A 16 -0.45 5.33 1.58
C CYS A 16 0.97 4.99 1.99
N ARG A 17 1.70 4.33 1.11
CA ARG A 17 3.08 3.95 1.39
C ARG A 17 3.15 3.00 2.58
N LYS A 18 2.24 2.05 2.62
CA LYS A 18 2.19 1.08 3.71
C LYS A 18 2.84 -0.24 3.30
N THR A 19 3.65 -0.81 4.19
CA THR A 19 4.33 -2.06 3.92
C THR A 19 3.43 -3.26 4.21
N PHE A 20 3.71 -4.38 3.56
CA PHE A 20 2.92 -5.59 3.75
C PHE A 20 3.81 -6.82 3.80
N SER A 21 3.38 -7.83 4.54
CA SER A 21 4.15 -9.07 4.68
C SER A 21 4.48 -9.65 3.31
N PHE A 22 3.51 -9.63 2.41
CA PHE A 22 3.71 -10.17 1.07
C PHE A 22 3.03 -9.27 0.03
N HIS A 23 3.63 -9.20 -1.15
CA HIS A 23 3.11 -8.38 -2.24
C HIS A 23 1.64 -8.72 -2.50
N SER A 24 1.34 -10.02 -2.55
CA SER A 24 -0.02 -10.48 -2.80
C SER A 24 -1.04 -9.58 -2.11
N GLN A 25 -0.82 -9.32 -0.82
CA GLN A 25 -1.71 -8.48 -0.05
C GLN A 25 -1.70 -7.04 -0.56
N LEU A 26 -0.51 -6.46 -0.66
CA LEU A 26 -0.35 -5.10 -1.14
C LEU A 26 -1.31 -4.82 -2.30
N VAL A 27 -1.14 -5.58 -3.39
CA VAL A 27 -1.97 -5.41 -4.56
C VAL A 27 -3.45 -5.29 -4.19
N ILE A 28 -3.90 -6.19 -3.32
CA ILE A 28 -5.29 -6.18 -2.87
C ILE A 28 -5.61 -4.90 -2.12
N HIS A 29 -4.66 -4.43 -1.33
CA HIS A 29 -4.85 -3.20 -0.56
C HIS A 29 -5.05 -2.00 -1.48
N GLN A 30 -4.11 -1.80 -2.40
CA GLN A 30 -4.19 -0.69 -3.33
C GLN A 30 -5.62 -0.47 -3.79
N ARG A 31 -6.42 -1.54 -3.76
CA ARG A 31 -7.82 -1.46 -4.19
C ARG A 31 -8.58 -0.43 -3.35
N ILE A 32 -8.58 -0.62 -2.04
CA ILE A 32 -9.26 0.29 -1.13
C ILE A 32 -9.22 1.71 -1.64
N HIS A 33 -8.10 2.07 -2.28
CA HIS A 33 -7.93 3.42 -2.82
C HIS A 33 -8.72 3.59 -4.10
N THR A 34 -8.54 2.67 -5.05
CA THR A 34 -9.25 2.73 -6.32
C THR A 34 -10.76 2.63 -6.12
N GLY A 35 -11.18 1.63 -5.34
CA GLY A 35 -12.60 1.45 -5.08
C GLY A 35 -13.33 2.76 -4.92
N GLU A 36 -13.43 3.22 -3.67
CA GLU A 36 -14.13 4.47 -3.37
C GLU A 36 -13.41 5.65 -4.02
N ASN A 37 -14.09 6.79 -4.05
CA ASN A 37 -13.52 7.99 -4.66
C ASN A 37 -12.20 8.36 -3.99
N PRO A 38 -11.26 8.89 -4.79
CA PRO A 38 -9.93 9.29 -4.29
C PRO A 38 -10.00 10.52 -3.40
N SER A 39 -9.41 10.41 -2.21
CA SER A 39 -9.41 11.52 -1.25
C SER A 39 -7.98 11.90 -0.87
N GLY A 40 -7.38 12.77 -1.67
CA GLY A 40 -6.02 13.20 -1.41
C GLY A 40 -5.76 14.61 -1.90
N PRO A 41 -4.90 15.34 -1.17
CA PRO A 41 -4.54 16.73 -1.51
C PRO A 41 -3.69 16.81 -2.77
N SER A 42 -4.33 17.15 -3.89
CA SER A 42 -3.64 17.26 -5.16
C SER A 42 -3.73 18.68 -5.71
N SER A 43 -2.69 19.11 -6.41
CA SER A 43 -2.65 20.45 -6.99
C SER A 43 -3.68 20.59 -8.10
N GLY A 44 -3.95 21.83 -8.49
CA GLY A 44 -4.92 22.08 -9.53
C GLY A 44 -6.27 21.45 -9.25
ZN ZN B . -2.44 2.27 -0.06
N GLY A 1 14.70 7.52 21.66
CA GLY A 1 14.81 6.30 20.89
C GLY A 1 15.75 6.43 19.72
N SER A 2 17.03 6.18 19.95
CA SER A 2 18.03 6.27 18.90
C SER A 2 18.06 5.01 18.05
N SER A 3 16.88 4.50 17.73
CA SER A 3 16.76 3.29 16.93
C SER A 3 16.71 3.63 15.43
N GLY A 4 16.92 2.62 14.60
CA GLY A 4 16.90 2.83 13.17
C GLY A 4 15.55 2.52 12.55
N SER A 5 15.56 1.81 11.43
CA SER A 5 14.33 1.45 10.74
C SER A 5 14.41 0.03 10.19
N SER A 6 13.25 -0.59 10.02
CA SER A 6 13.18 -1.95 9.50
C SER A 6 12.51 -1.99 8.13
N GLY A 7 12.93 -2.93 7.29
CA GLY A 7 12.36 -3.04 5.96
C GLY A 7 13.34 -3.60 4.95
N GLU A 8 13.13 -4.84 4.52
CA GLU A 8 14.01 -5.47 3.54
C GLU A 8 13.39 -5.42 2.15
N LYS A 9 13.69 -4.36 1.41
CA LYS A 9 13.16 -4.19 0.06
C LYS A 9 11.74 -4.73 -0.04
N LEU A 10 11.01 -4.68 1.06
CA LEU A 10 9.64 -5.16 1.10
C LEU A 10 8.75 -4.35 0.14
N HIS A 11 7.56 -4.86 -0.12
CA HIS A 11 6.62 -4.18 -1.01
C HIS A 11 5.71 -3.25 -0.22
N GLU A 12 5.64 -1.99 -0.65
CA GLU A 12 4.80 -1.00 0.01
C GLU A 12 3.84 -0.34 -0.99
N CYS A 13 2.87 0.39 -0.46
CA CYS A 13 1.88 1.06 -1.30
C CYS A 13 2.45 2.36 -1.88
N SER A 14 1.70 2.99 -2.75
CA SER A 14 2.13 4.24 -3.39
C SER A 14 1.28 5.41 -2.92
N GLU A 15 0.05 5.12 -2.53
CA GLU A 15 -0.88 6.15 -2.06
C GLU A 15 -0.71 6.39 -0.56
N CYS A 16 -0.71 5.30 0.21
CA CYS A 16 -0.56 5.37 1.65
C CYS A 16 0.87 5.00 2.07
N ARG A 17 1.59 4.34 1.17
CA ARG A 17 2.96 3.93 1.44
C ARG A 17 2.99 2.96 2.62
N LYS A 18 2.11 1.96 2.61
CA LYS A 18 2.06 0.97 3.67
C LYS A 18 2.81 -0.30 3.28
N THR A 19 3.60 -0.82 4.22
CA THR A 19 4.38 -2.02 3.97
C THR A 19 3.53 -3.27 4.20
N PHE A 20 3.79 -4.30 3.40
CA PHE A 20 3.05 -5.56 3.52
C PHE A 20 4.01 -6.75 3.51
N SER A 21 3.67 -7.77 4.29
CA SER A 21 4.50 -8.97 4.38
C SER A 21 4.46 -9.76 3.07
N PHE A 22 3.26 -9.95 2.55
CA PHE A 22 3.08 -10.68 1.30
C PHE A 22 2.62 -9.75 0.18
N HIS A 23 3.43 -9.67 -0.88
CA HIS A 23 3.11 -8.82 -2.01
C HIS A 23 1.65 -8.98 -2.43
N SER A 24 1.19 -10.23 -2.46
CA SER A 24 -0.19 -10.52 -2.84
C SER A 24 -1.17 -9.62 -2.08
N GLN A 25 -0.91 -9.45 -0.78
CA GLN A 25 -1.76 -8.61 0.06
C GLN A 25 -1.75 -7.17 -0.41
N LEU A 26 -0.55 -6.57 -0.45
CA LEU A 26 -0.39 -5.19 -0.87
C LEU A 26 -1.30 -4.88 -2.06
N VAL A 27 -1.06 -5.54 -3.17
CA VAL A 27 -1.86 -5.34 -4.38
C VAL A 27 -3.34 -5.24 -4.04
N ILE A 28 -3.81 -6.15 -3.19
CA ILE A 28 -5.21 -6.17 -2.78
C ILE A 28 -5.58 -4.88 -2.04
N HIS A 29 -4.66 -4.40 -1.21
CA HIS A 29 -4.89 -3.17 -0.45
C HIS A 29 -5.07 -1.98 -1.38
N GLN A 30 -4.08 -1.77 -2.25
CA GLN A 30 -4.13 -0.65 -3.19
C GLN A 30 -5.53 -0.44 -3.73
N ARG A 31 -6.32 -1.52 -3.73
CA ARG A 31 -7.69 -1.45 -4.22
C ARG A 31 -8.51 -0.45 -3.43
N ILE A 32 -8.58 -0.65 -2.12
CA ILE A 32 -9.33 0.25 -1.24
C ILE A 32 -9.25 1.69 -1.74
N HIS A 33 -8.12 2.05 -2.34
CA HIS A 33 -7.93 3.40 -2.86
C HIS A 33 -8.76 3.61 -4.11
N THR A 34 -8.39 2.93 -5.19
CA THR A 34 -9.10 3.05 -6.46
C THR A 34 -10.59 2.76 -6.28
N GLY A 35 -10.90 1.65 -5.63
CA GLY A 35 -12.28 1.29 -5.40
C GLY A 35 -13.11 2.44 -4.87
N GLU A 36 -14.36 2.51 -5.32
CA GLU A 36 -15.26 3.58 -4.90
C GLU A 36 -15.10 3.87 -3.40
N ASN A 37 -14.81 5.12 -3.08
CA ASN A 37 -14.63 5.53 -1.69
C ASN A 37 -15.62 6.62 -1.30
N PRO A 38 -16.08 6.60 -0.05
CA PRO A 38 -17.03 7.58 0.48
C PRO A 38 -16.41 8.96 0.63
N SER A 39 -17.17 9.99 0.26
CA SER A 39 -16.69 11.36 0.37
C SER A 39 -16.88 11.91 1.78
N GLY A 40 -15.83 12.52 2.32
CA GLY A 40 -15.90 13.07 3.66
C GLY A 40 -14.55 13.56 4.15
N PRO A 41 -14.17 14.78 3.76
CA PRO A 41 -12.89 15.38 4.16
C PRO A 41 -12.86 15.74 5.65
N SER A 42 -11.66 15.97 6.17
CA SER A 42 -11.49 16.32 7.57
C SER A 42 -10.04 16.69 7.87
N SER A 43 -9.86 17.56 8.85
CA SER A 43 -8.52 17.99 9.24
C SER A 43 -8.21 17.61 10.68
N GLY A 44 -7.35 16.60 10.83
CA GLY A 44 -6.99 16.14 12.16
C GLY A 44 -7.20 14.65 12.35
ZN ZN B . -2.42 2.46 -0.08
N GLY A 1 30.09 6.49 -3.20
CA GLY A 1 29.00 5.54 -3.24
C GLY A 1 28.96 4.66 -2.02
N SER A 2 28.11 3.64 -2.05
CA SER A 2 27.97 2.71 -0.94
C SER A 2 27.27 1.43 -1.38
N SER A 3 27.84 0.29 -0.99
CA SER A 3 27.27 -1.00 -1.34
C SER A 3 27.12 -1.88 -0.11
N GLY A 4 26.12 -2.76 -0.14
CA GLY A 4 25.88 -3.65 0.98
C GLY A 4 24.41 -3.82 1.29
N SER A 5 24.08 -4.84 2.07
CA SER A 5 22.69 -5.11 2.43
C SER A 5 22.20 -4.10 3.46
N SER A 6 21.05 -3.48 3.17
CA SER A 6 20.47 -2.50 4.07
C SER A 6 19.01 -2.24 3.72
N GLY A 7 18.25 -1.74 4.69
CA GLY A 7 16.85 -1.47 4.47
C GLY A 7 16.02 -2.72 4.28
N GLU A 8 14.77 -2.55 3.87
CA GLU A 8 13.88 -3.69 3.66
C GLU A 8 13.52 -3.83 2.18
N LYS A 9 13.54 -5.06 1.69
CA LYS A 9 13.23 -5.34 0.29
C LYS A 9 11.76 -5.74 0.14
N LEU A 10 10.93 -5.29 1.06
CA LEU A 10 9.50 -5.60 1.03
C LEU A 10 8.74 -4.58 0.20
N HIS A 11 7.57 -4.98 -0.29
CA HIS A 11 6.74 -4.09 -1.09
C HIS A 11 5.87 -3.20 -0.21
N GLU A 12 5.30 -2.15 -0.80
CA GLU A 12 4.45 -1.23 -0.05
C GLU A 12 3.48 -0.52 -0.99
N CYS A 13 2.48 0.14 -0.41
CA CYS A 13 1.49 0.86 -1.19
C CYS A 13 2.08 2.12 -1.81
N SER A 14 1.35 2.72 -2.74
CA SER A 14 1.81 3.93 -3.41
C SER A 14 0.98 5.14 -2.99
N GLU A 15 -0.18 4.87 -2.39
CA GLU A 15 -1.08 5.93 -1.95
C GLU A 15 -0.84 6.27 -0.48
N CYS A 16 -0.65 5.24 0.33
CA CYS A 16 -0.41 5.43 1.76
C CYS A 16 1.02 5.04 2.12
N ARG A 17 1.71 4.38 1.19
CA ARG A 17 3.09 3.96 1.42
C ARG A 17 3.17 2.97 2.58
N LYS A 18 2.21 2.05 2.65
CA LYS A 18 2.19 1.06 3.71
C LYS A 18 2.87 -0.23 3.28
N THR A 19 3.67 -0.80 4.16
CA THR A 19 4.40 -2.04 3.87
C THR A 19 3.50 -3.25 4.07
N PHE A 20 3.85 -4.36 3.40
CA PHE A 20 3.08 -5.59 3.51
C PHE A 20 4.00 -6.81 3.51
N SER A 21 3.85 -7.66 4.52
CA SER A 21 4.66 -8.86 4.64
C SER A 21 4.80 -9.56 3.28
N PHE A 22 3.69 -9.68 2.58
CA PHE A 22 3.68 -10.32 1.27
C PHE A 22 3.06 -9.41 0.21
N HIS A 23 3.74 -9.29 -0.92
CA HIS A 23 3.27 -8.45 -2.01
C HIS A 23 1.81 -8.77 -2.35
N SER A 24 1.53 -10.05 -2.57
CA SER A 24 0.18 -10.49 -2.90
C SER A 24 -0.86 -9.68 -2.14
N GLN A 25 -0.62 -9.49 -0.85
CA GLN A 25 -1.55 -8.73 -0.01
C GLN A 25 -1.61 -7.28 -0.46
N LEU A 26 -0.46 -6.63 -0.57
CA LEU A 26 -0.38 -5.24 -0.99
C LEU A 26 -1.36 -4.96 -2.13
N VAL A 27 -1.12 -5.60 -3.26
CA VAL A 27 -1.99 -5.41 -4.43
C VAL A 27 -3.46 -5.35 -4.01
N ILE A 28 -3.85 -6.20 -3.07
CA ILE A 28 -5.22 -6.24 -2.59
C ILE A 28 -5.58 -4.95 -1.87
N HIS A 29 -4.66 -4.45 -1.06
CA HIS A 29 -4.89 -3.21 -0.31
C HIS A 29 -5.11 -2.05 -1.26
N GLN A 30 -4.17 -1.84 -2.18
CA GLN A 30 -4.26 -0.75 -3.14
C GLN A 30 -5.70 -0.54 -3.58
N ARG A 31 -6.48 -1.62 -3.58
CA ARG A 31 -7.88 -1.55 -3.99
C ARG A 31 -8.64 -0.51 -3.17
N ILE A 32 -8.62 -0.68 -1.85
CA ILE A 32 -9.31 0.26 -0.96
C ILE A 32 -9.24 1.68 -1.49
N HIS A 33 -8.13 2.01 -2.15
CA HIS A 33 -7.95 3.34 -2.72
C HIS A 33 -8.67 3.48 -4.05
N THR A 34 -8.30 2.64 -5.01
CA THR A 34 -8.91 2.66 -6.33
C THR A 34 -10.35 2.17 -6.28
N GLY A 35 -11.30 3.08 -6.39
CA GLY A 35 -12.70 2.72 -6.35
C GLY A 35 -13.62 3.93 -6.42
N GLU A 36 -13.48 4.82 -5.45
CA GLU A 36 -14.32 6.02 -5.40
C GLU A 36 -14.15 6.84 -6.67
N ASN A 37 -15.28 7.27 -7.24
CA ASN A 37 -15.27 8.06 -8.46
C ASN A 37 -15.24 9.55 -8.14
N PRO A 38 -14.47 10.32 -8.93
CA PRO A 38 -14.35 11.77 -8.75
C PRO A 38 -15.63 12.51 -9.11
N SER A 39 -15.78 13.72 -8.59
CA SER A 39 -16.96 14.53 -8.86
C SER A 39 -17.25 14.58 -10.35
N GLY A 40 -18.46 14.15 -10.73
CA GLY A 40 -18.84 14.15 -12.13
C GLY A 40 -20.15 13.44 -12.37
N PRO A 41 -20.47 13.18 -13.65
CA PRO A 41 -21.71 12.51 -14.04
C PRO A 41 -21.71 11.04 -13.64
N SER A 42 -22.23 10.75 -12.46
CA SER A 42 -22.30 9.38 -11.96
C SER A 42 -23.60 9.14 -11.21
N SER A 43 -23.85 7.88 -10.85
CA SER A 43 -25.05 7.51 -10.13
C SER A 43 -25.07 8.13 -8.73
N GLY A 44 -23.96 7.98 -8.02
CA GLY A 44 -23.87 8.52 -6.67
C GLY A 44 -22.53 8.25 -6.02
ZN ZN B . -2.65 2.69 0.13
N GLY A 1 27.28 9.31 3.47
CA GLY A 1 26.65 8.27 4.26
C GLY A 1 26.73 6.92 3.60
N SER A 2 27.65 6.08 4.05
CA SER A 2 27.82 4.74 3.50
C SER A 2 26.48 4.02 3.39
N SER A 3 25.82 3.86 4.52
CA SER A 3 24.52 3.18 4.55
C SER A 3 23.91 3.25 5.94
N GLY A 4 22.64 2.84 6.05
CA GLY A 4 21.96 2.86 7.33
C GLY A 4 20.69 2.03 7.32
N SER A 5 20.80 0.81 6.84
CA SER A 5 19.64 -0.09 6.77
C SER A 5 20.08 -1.54 6.83
N SER A 6 19.16 -2.43 7.21
CA SER A 6 19.46 -3.84 7.31
C SER A 6 18.52 -4.65 6.43
N GLY A 7 18.27 -4.16 5.22
CA GLY A 7 17.39 -4.85 4.30
C GLY A 7 16.16 -4.03 3.95
N GLU A 8 15.07 -4.25 4.67
CA GLU A 8 13.83 -3.53 4.42
C GLU A 8 13.45 -3.60 2.94
N LYS A 9 13.62 -4.77 2.34
CA LYS A 9 13.29 -4.96 0.94
C LYS A 9 11.87 -5.50 0.78
N LEU A 10 10.94 -4.91 1.53
CA LEU A 10 9.54 -5.33 1.47
C LEU A 10 8.74 -4.38 0.58
N HIS A 11 7.68 -4.91 -0.02
CA HIS A 11 6.82 -4.11 -0.89
C HIS A 11 5.94 -3.17 -0.07
N GLU A 12 5.59 -2.03 -0.66
CA GLU A 12 4.75 -1.05 0.02
C GLU A 12 3.79 -0.37 -0.97
N CYS A 13 2.75 0.25 -0.43
CA CYS A 13 1.76 0.93 -1.26
C CYS A 13 2.35 2.18 -1.90
N SER A 14 1.58 2.81 -2.79
CA SER A 14 2.02 4.01 -3.47
C SER A 14 1.26 5.24 -2.98
N GLU A 15 -0.01 5.01 -2.60
CA GLU A 15 -0.86 6.10 -2.11
C GLU A 15 -0.66 6.31 -0.61
N CYS A 16 -0.70 5.21 0.15
CA CYS A 16 -0.53 5.28 1.59
C CYS A 16 0.91 4.93 1.99
N ARG A 17 1.63 4.30 1.07
CA ARG A 17 3.01 3.91 1.32
C ARG A 17 3.10 2.96 2.51
N LYS A 18 2.16 2.02 2.58
CA LYS A 18 2.14 1.05 3.67
C LYS A 18 2.84 -0.24 3.26
N THR A 19 3.66 -0.78 4.15
CA THR A 19 4.39 -2.01 3.89
C THR A 19 3.52 -3.24 4.14
N PHE A 20 3.88 -4.35 3.51
CA PHE A 20 3.13 -5.59 3.67
C PHE A 20 4.06 -6.80 3.70
N SER A 21 3.67 -7.82 4.45
CA SER A 21 4.48 -9.03 4.57
C SER A 21 4.62 -9.72 3.22
N PHE A 22 3.52 -9.83 2.49
CA PHE A 22 3.52 -10.47 1.18
C PHE A 22 2.94 -9.54 0.11
N HIS A 23 3.55 -9.56 -1.06
CA HIS A 23 3.10 -8.72 -2.17
C HIS A 23 1.61 -8.94 -2.45
N SER A 24 1.24 -10.20 -2.67
CA SER A 24 -0.15 -10.53 -2.94
C SER A 24 -1.11 -9.64 -2.16
N GLN A 25 -0.79 -9.42 -0.89
CA GLN A 25 -1.61 -8.57 -0.03
C GLN A 25 -1.64 -7.14 -0.54
N LEU A 26 -0.47 -6.51 -0.59
CA LEU A 26 -0.36 -5.13 -1.05
C LEU A 26 -1.31 -4.89 -2.23
N VAL A 27 -1.08 -5.59 -3.33
CA VAL A 27 -1.91 -5.44 -4.52
C VAL A 27 -3.38 -5.36 -4.15
N ILE A 28 -3.79 -6.20 -3.20
CA ILE A 28 -5.19 -6.22 -2.75
C ILE A 28 -5.54 -4.94 -2.01
N HIS A 29 -4.61 -4.46 -1.19
CA HIS A 29 -4.83 -3.23 -0.42
C HIS A 29 -5.04 -2.04 -1.34
N GLN A 30 -4.10 -1.84 -2.26
CA GLN A 30 -4.18 -0.73 -3.21
C GLN A 30 -5.60 -0.50 -3.66
N ARG A 31 -6.41 -1.56 -3.64
CA ARG A 31 -7.80 -1.47 -4.05
C ARG A 31 -8.55 -0.44 -3.22
N ILE A 32 -8.55 -0.63 -1.91
CA ILE A 32 -9.23 0.29 -1.00
C ILE A 32 -9.15 1.72 -1.52
N HIS A 33 -8.03 2.06 -2.14
CA HIS A 33 -7.84 3.41 -2.68
C HIS A 33 -8.65 3.61 -3.95
N THR A 34 -8.52 2.68 -4.89
CA THR A 34 -9.25 2.75 -6.14
C THR A 34 -10.64 2.13 -6.02
N GLY A 35 -11.62 2.95 -5.68
CA GLY A 35 -12.98 2.47 -5.54
C GLY A 35 -13.88 2.89 -6.67
N GLU A 36 -14.05 4.21 -6.83
CA GLU A 36 -14.89 4.75 -7.89
C GLU A 36 -16.35 4.37 -7.67
N ASN A 37 -16.80 4.50 -6.42
CA ASN A 37 -18.18 4.17 -6.08
C ASN A 37 -19.14 5.21 -6.64
N PRO A 38 -20.30 4.74 -7.12
CA PRO A 38 -21.33 5.60 -7.69
C PRO A 38 -22.01 6.47 -6.64
N SER A 39 -22.77 7.47 -7.09
CA SER A 39 -23.47 8.37 -6.20
C SER A 39 -22.55 8.85 -5.08
N GLY A 40 -21.32 9.21 -5.45
CA GLY A 40 -20.36 9.69 -4.46
C GLY A 40 -19.41 10.72 -5.04
N PRO A 41 -18.99 11.68 -4.20
CA PRO A 41 -18.08 12.75 -4.60
C PRO A 41 -16.67 12.23 -4.86
N SER A 42 -16.39 11.89 -6.10
CA SER A 42 -15.07 11.37 -6.48
C SER A 42 -14.33 12.37 -7.36
N SER A 43 -13.65 13.33 -6.72
CA SER A 43 -12.91 14.35 -7.44
C SER A 43 -11.50 13.85 -7.79
N GLY A 44 -10.73 13.54 -6.76
CA GLY A 44 -9.38 13.06 -6.98
C GLY A 44 -8.86 12.22 -5.81
ZN ZN B . -2.61 2.05 0.23
N GLY A 1 24.25 10.37 13.47
CA GLY A 1 22.81 10.38 13.28
C GLY A 1 22.20 8.99 13.33
N SER A 2 20.91 8.90 13.00
CA SER A 2 20.23 7.61 13.02
C SER A 2 20.68 6.73 11.87
N SER A 3 20.63 5.43 12.07
CA SER A 3 21.04 4.47 11.05
C SER A 3 20.03 3.34 10.92
N GLY A 4 19.66 3.02 9.67
CA GLY A 4 18.70 1.95 9.43
C GLY A 4 19.22 0.91 8.47
N SER A 5 19.05 -0.36 8.83
CA SER A 5 19.50 -1.46 8.00
C SER A 5 18.49 -1.78 6.91
N SER A 6 18.97 -2.40 5.82
CA SER A 6 18.10 -2.76 4.71
C SER A 6 18.45 -4.14 4.17
N GLY A 7 17.53 -4.73 3.42
CA GLY A 7 17.76 -6.05 2.86
C GLY A 7 16.47 -6.77 2.52
N GLU A 8 15.54 -6.80 3.47
CA GLU A 8 14.26 -7.47 3.27
C GLU A 8 13.60 -6.99 1.98
N LYS A 9 12.92 -7.90 1.30
CA LYS A 9 12.23 -7.58 0.04
C LYS A 9 10.74 -7.33 0.29
N LEU A 10 10.43 -6.27 1.03
CA LEU A 10 9.05 -5.94 1.33
C LEU A 10 8.49 -4.99 0.27
N HIS A 11 7.16 -4.95 0.18
CA HIS A 11 6.48 -4.09 -0.79
C HIS A 11 5.59 -3.07 -0.08
N GLU A 12 5.76 -1.80 -0.43
CA GLU A 12 4.97 -0.73 0.17
C GLU A 12 4.00 -0.13 -0.85
N CYS A 13 2.89 0.40 -0.36
CA CYS A 13 1.89 1.02 -1.22
C CYS A 13 2.43 2.29 -1.86
N SER A 14 1.69 2.82 -2.83
CA SER A 14 2.09 4.03 -3.53
C SER A 14 1.19 5.21 -3.15
N GLU A 15 0.04 4.89 -2.55
CA GLU A 15 -0.90 5.91 -2.13
C GLU A 15 -0.75 6.23 -0.65
N CYS A 16 -0.70 5.18 0.17
CA CYS A 16 -0.56 5.34 1.61
C CYS A 16 0.87 5.03 2.05
N ARG A 17 1.63 4.41 1.17
CA ARG A 17 3.02 4.06 1.47
C ARG A 17 3.10 3.11 2.66
N LYS A 18 2.26 2.08 2.65
CA LYS A 18 2.23 1.10 3.73
C LYS A 18 2.88 -0.21 3.29
N THR A 19 3.74 -0.75 4.16
CA THR A 19 4.43 -2.01 3.86
C THR A 19 3.55 -3.20 4.18
N PHE A 20 3.81 -4.31 3.50
CA PHE A 20 3.04 -5.54 3.72
C PHE A 20 3.95 -6.76 3.77
N SER A 21 3.48 -7.81 4.43
CA SER A 21 4.26 -9.04 4.56
C SER A 21 4.65 -9.59 3.20
N PHE A 22 3.67 -9.65 2.30
CA PHE A 22 3.91 -10.16 0.95
C PHE A 22 3.18 -9.32 -0.09
N HIS A 23 3.83 -9.08 -1.22
CA HIS A 23 3.23 -8.29 -2.29
C HIS A 23 1.76 -8.67 -2.49
N SER A 24 1.50 -9.97 -2.58
CA SER A 24 0.14 -10.45 -2.78
C SER A 24 -0.86 -9.57 -2.05
N GLN A 25 -0.64 -9.38 -0.76
CA GLN A 25 -1.53 -8.55 0.06
C GLN A 25 -1.60 -7.12 -0.48
N LEU A 26 -0.43 -6.49 -0.62
CA LEU A 26 -0.35 -5.12 -1.12
C LEU A 26 -1.36 -4.90 -2.24
N VAL A 27 -1.15 -5.59 -3.36
CA VAL A 27 -2.04 -5.47 -4.50
C VAL A 27 -3.50 -5.40 -4.07
N ILE A 28 -3.88 -6.27 -3.14
CA ILE A 28 -5.24 -6.31 -2.63
C ILE A 28 -5.58 -5.01 -1.90
N HIS A 29 -4.61 -4.47 -1.18
CA HIS A 29 -4.81 -3.23 -0.44
C HIS A 29 -5.05 -2.06 -1.38
N GLN A 30 -4.16 -1.88 -2.35
CA GLN A 30 -4.28 -0.80 -3.32
C GLN A 30 -5.73 -0.60 -3.73
N ARG A 31 -6.52 -1.67 -3.65
CA ARG A 31 -7.93 -1.62 -4.02
C ARG A 31 -8.67 -0.55 -3.19
N ILE A 32 -8.60 -0.70 -1.87
CA ILE A 32 -9.25 0.24 -0.97
C ILE A 32 -9.16 1.67 -1.49
N HIS A 33 -8.03 1.99 -2.12
CA HIS A 33 -7.81 3.31 -2.68
C HIS A 33 -8.58 3.49 -3.98
N THR A 34 -8.45 2.51 -4.88
CA THR A 34 -9.13 2.56 -6.17
C THR A 34 -10.55 2.02 -6.06
N GLY A 35 -11.50 2.90 -5.77
CA GLY A 35 -12.88 2.50 -5.64
C GLY A 35 -13.77 3.13 -6.70
N GLU A 36 -14.64 4.04 -6.26
CA GLU A 36 -15.56 4.72 -7.18
C GLU A 36 -14.99 6.05 -7.62
N ASN A 37 -15.41 6.52 -8.79
CA ASN A 37 -14.94 7.80 -9.32
C ASN A 37 -15.37 8.95 -8.41
N PRO A 38 -14.50 9.97 -8.29
CA PRO A 38 -14.76 11.15 -7.47
C PRO A 38 -15.85 12.03 -8.06
N SER A 39 -16.26 13.05 -7.30
CA SER A 39 -17.30 13.97 -7.75
C SER A 39 -16.99 14.49 -9.15
N GLY A 40 -18.04 14.74 -9.93
CA GLY A 40 -17.88 15.24 -11.28
C GLY A 40 -17.60 14.13 -12.28
N PRO A 41 -18.12 14.28 -13.50
CA PRO A 41 -17.95 13.30 -14.56
C PRO A 41 -16.51 13.25 -15.08
N SER A 42 -15.73 14.27 -14.72
CA SER A 42 -14.33 14.34 -15.15
C SER A 42 -13.41 13.78 -14.08
N SER A 43 -12.57 12.82 -14.46
CA SER A 43 -11.64 12.21 -13.53
C SER A 43 -10.20 12.36 -14.02
N GLY A 44 -9.24 12.27 -13.09
CA GLY A 44 -7.85 12.40 -13.45
C GLY A 44 -7.32 11.18 -14.19
ZN ZN B . -2.50 2.20 0.11
N GLY A 1 15.23 14.57 5.62
CA GLY A 1 15.39 15.10 6.97
C GLY A 1 14.85 14.15 8.03
N SER A 2 13.57 14.28 8.33
CA SER A 2 12.94 13.44 9.34
C SER A 2 13.06 11.97 8.97
N SER A 3 13.44 11.15 9.95
CA SER A 3 13.60 9.72 9.72
C SER A 3 12.25 9.01 9.76
N GLY A 4 12.12 7.94 8.98
CA GLY A 4 10.89 7.19 8.93
C GLY A 4 11.10 5.73 8.60
N SER A 5 10.08 4.91 8.82
CA SER A 5 10.17 3.48 8.54
C SER A 5 10.25 3.22 7.04
N SER A 6 11.13 2.29 6.66
CA SER A 6 11.31 1.96 5.25
C SER A 6 11.98 0.60 5.11
N GLY A 7 11.27 -0.34 4.47
CA GLY A 7 11.81 -1.66 4.28
C GLY A 7 12.39 -1.86 2.89
N GLU A 8 13.64 -2.33 2.82
CA GLU A 8 14.31 -2.56 1.55
C GLU A 8 13.89 -3.90 0.95
N LYS A 9 13.37 -4.78 1.80
CA LYS A 9 12.95 -6.10 1.35
C LYS A 9 11.46 -6.32 1.64
N LEU A 10 10.66 -5.28 1.38
CA LEU A 10 9.23 -5.36 1.60
C LEU A 10 8.47 -4.47 0.62
N HIS A 11 7.38 -4.99 0.07
CA HIS A 11 6.56 -4.24 -0.89
C HIS A 11 5.59 -3.32 -0.15
N GLU A 12 5.71 -2.02 -0.40
CA GLU A 12 4.83 -1.04 0.22
C GLU A 12 3.94 -0.36 -0.81
N CYS A 13 2.86 0.26 -0.34
CA CYS A 13 1.93 0.95 -1.23
C CYS A 13 2.56 2.21 -1.81
N SER A 14 1.85 2.83 -2.75
CA SER A 14 2.35 4.04 -3.39
C SER A 14 1.50 5.25 -3.00
N GLU A 15 0.26 4.98 -2.58
CA GLU A 15 -0.66 6.05 -2.17
C GLU A 15 -0.49 6.37 -0.70
N CYS A 16 -0.53 5.34 0.14
CA CYS A 16 -0.38 5.52 1.58
C CYS A 16 1.01 5.12 2.04
N ARG A 17 1.73 4.40 1.18
CA ARG A 17 3.08 3.95 1.50
C ARG A 17 3.07 2.96 2.66
N LYS A 18 2.14 2.02 2.61
CA LYS A 18 2.01 1.01 3.66
C LYS A 18 2.74 -0.28 3.26
N THR A 19 3.55 -0.80 4.17
CA THR A 19 4.30 -2.02 3.91
C THR A 19 3.45 -3.26 4.19
N PHE A 20 3.79 -4.36 3.56
CA PHE A 20 3.06 -5.61 3.75
C PHE A 20 4.01 -6.81 3.76
N SER A 21 3.60 -7.88 4.43
CA SER A 21 4.41 -9.08 4.54
C SER A 21 4.67 -9.67 3.16
N PHE A 22 3.64 -9.71 2.32
CA PHE A 22 3.76 -10.25 0.97
C PHE A 22 3.08 -9.34 -0.04
N HIS A 23 3.66 -9.26 -1.24
CA HIS A 23 3.11 -8.42 -2.30
C HIS A 23 1.65 -8.77 -2.57
N SER A 24 1.36 -10.06 -2.62
CA SER A 24 0.00 -10.53 -2.88
C SER A 24 -1.02 -9.68 -2.13
N GLN A 25 -0.71 -9.37 -0.87
CA GLN A 25 -1.59 -8.57 -0.05
C GLN A 25 -1.64 -7.13 -0.54
N LEU A 26 -0.47 -6.50 -0.64
CA LEU A 26 -0.38 -5.12 -1.10
C LEU A 26 -1.39 -4.85 -2.20
N VAL A 27 -1.25 -5.56 -3.32
CA VAL A 27 -2.16 -5.40 -4.44
C VAL A 27 -3.60 -5.28 -3.98
N ILE A 28 -4.00 -6.18 -3.09
CA ILE A 28 -5.37 -6.16 -2.57
C ILE A 28 -5.66 -4.86 -1.83
N HIS A 29 -4.64 -4.32 -1.17
CA HIS A 29 -4.79 -3.06 -0.43
C HIS A 29 -4.96 -1.88 -1.38
N GLN A 30 -4.09 -1.81 -2.38
CA GLN A 30 -4.13 -0.73 -3.35
C GLN A 30 -5.54 -0.55 -3.90
N ARG A 31 -6.37 -1.58 -3.74
CA ARG A 31 -7.75 -1.53 -4.22
C ARG A 31 -8.55 -0.49 -3.46
N ILE A 32 -8.58 -0.61 -2.14
CA ILE A 32 -9.31 0.32 -1.29
C ILE A 32 -9.27 1.73 -1.86
N HIS A 33 -8.16 2.07 -2.52
CA HIS A 33 -8.00 3.38 -3.12
C HIS A 33 -8.78 3.50 -4.42
N THR A 34 -8.64 2.48 -5.27
CA THR A 34 -9.34 2.46 -6.55
C THR A 34 -10.75 1.90 -6.40
N GLY A 35 -11.50 2.44 -5.45
CA GLY A 35 -12.86 1.98 -5.23
C GLY A 35 -13.60 2.82 -4.21
N GLU A 36 -14.53 2.19 -3.49
CA GLU A 36 -15.32 2.90 -2.49
C GLU A 36 -14.40 3.67 -1.53
N ASN A 37 -14.89 4.82 -1.06
CA ASN A 37 -14.12 5.65 -0.15
C ASN A 37 -14.94 6.01 1.08
N PRO A 38 -14.30 6.00 2.26
CA PRO A 38 -14.95 6.32 3.53
C PRO A 38 -15.31 7.80 3.63
N SER A 39 -14.43 8.66 3.13
CA SER A 39 -14.65 10.10 3.18
C SER A 39 -15.91 10.47 2.39
N GLY A 40 -15.98 10.00 1.15
CA GLY A 40 -17.13 10.29 0.31
C GLY A 40 -16.74 10.87 -1.03
N PRO A 41 -17.65 10.79 -2.01
CA PRO A 41 -17.41 11.30 -3.36
C PRO A 41 -17.35 12.82 -3.41
N SER A 42 -16.16 13.37 -3.23
CA SER A 42 -15.96 14.81 -3.25
C SER A 42 -15.04 15.22 -4.40
N SER A 43 -15.62 15.82 -5.44
CA SER A 43 -14.86 16.25 -6.59
C SER A 43 -15.59 17.35 -7.35
N GLY A 44 -15.01 18.55 -7.34
CA GLY A 44 -15.62 19.68 -8.02
C GLY A 44 -16.35 19.26 -9.29
ZN ZN B . -2.35 2.57 -0.04
N GLY A 1 13.29 6.17 18.03
CA GLY A 1 13.52 5.09 17.09
C GLY A 1 13.56 5.58 15.65
N SER A 2 14.75 5.95 15.19
CA SER A 2 14.91 6.43 13.82
C SER A 2 15.84 5.53 13.02
N SER A 3 15.26 4.75 12.11
CA SER A 3 16.04 3.82 11.29
C SER A 3 16.65 4.55 10.09
N GLY A 4 17.66 3.94 9.49
CA GLY A 4 18.32 4.54 8.35
C GLY A 4 18.16 3.71 7.09
N SER A 5 16.94 3.66 6.56
CA SER A 5 16.66 2.90 5.35
C SER A 5 17.37 1.55 5.38
N SER A 6 17.34 0.90 6.54
CA SER A 6 17.99 -0.40 6.71
C SER A 6 16.95 -1.49 6.94
N GLY A 7 16.77 -2.34 5.94
CA GLY A 7 15.81 -3.43 6.04
C GLY A 7 15.61 -4.16 4.74
N GLU A 8 15.02 -5.36 4.81
CA GLU A 8 14.78 -6.16 3.62
C GLU A 8 13.76 -5.48 2.71
N LYS A 9 14.18 -5.20 1.48
CA LYS A 9 13.31 -4.55 0.51
C LYS A 9 11.92 -5.19 0.50
N LEU A 10 10.97 -4.56 1.17
CA LEU A 10 9.60 -5.07 1.24
C LEU A 10 8.67 -4.25 0.35
N HIS A 11 7.62 -4.90 -0.16
CA HIS A 11 6.66 -4.24 -1.02
C HIS A 11 5.78 -3.29 -0.21
N GLU A 12 5.60 -2.07 -0.72
CA GLU A 12 4.78 -1.07 -0.04
C GLU A 12 3.81 -0.43 -1.02
N CYS A 13 2.84 0.31 -0.47
CA CYS A 13 1.84 0.98 -1.30
C CYS A 13 2.39 2.27 -1.90
N SER A 14 1.60 2.92 -2.74
CA SER A 14 2.02 4.16 -3.38
C SER A 14 1.21 5.34 -2.86
N GLU A 15 -0.03 5.07 -2.44
CA GLU A 15 -0.90 6.12 -1.92
C GLU A 15 -0.68 6.31 -0.42
N CYS A 16 -0.67 5.20 0.32
CA CYS A 16 -0.48 5.25 1.77
C CYS A 16 0.97 4.93 2.12
N ARG A 17 1.68 4.29 1.19
CA ARG A 17 3.08 3.92 1.42
C ARG A 17 3.20 2.97 2.61
N LYS A 18 2.31 1.98 2.67
CA LYS A 18 2.33 1.00 3.75
C LYS A 18 2.96 -0.31 3.29
N THR A 19 3.79 -0.88 4.14
CA THR A 19 4.47 -2.14 3.83
C THR A 19 3.57 -3.33 4.11
N PHE A 20 3.87 -4.45 3.47
CA PHE A 20 3.08 -5.67 3.66
C PHE A 20 3.97 -6.90 3.65
N SER A 21 3.66 -7.86 4.52
CA SER A 21 4.44 -9.09 4.61
C SER A 21 4.73 -9.66 3.23
N PHE A 22 3.70 -9.70 2.39
CA PHE A 22 3.83 -10.23 1.04
C PHE A 22 3.19 -9.28 0.02
N HIS A 23 3.59 -9.43 -1.25
CA HIS A 23 3.04 -8.59 -2.31
C HIS A 23 1.56 -8.87 -2.52
N SER A 24 1.21 -10.14 -2.66
CA SER A 24 -0.17 -10.54 -2.88
C SER A 24 -1.12 -9.63 -2.09
N GLN A 25 -0.88 -9.50 -0.79
CA GLN A 25 -1.71 -8.67 0.05
C GLN A 25 -1.75 -7.23 -0.45
N LEU A 26 -0.57 -6.61 -0.55
CA LEU A 26 -0.46 -5.23 -1.02
C LEU A 26 -1.47 -4.97 -2.13
N VAL A 27 -1.30 -5.62 -3.26
CA VAL A 27 -2.21 -5.46 -4.40
C VAL A 27 -3.66 -5.35 -3.94
N ILE A 28 -4.04 -6.23 -3.03
CA ILE A 28 -5.41 -6.24 -2.50
C ILE A 28 -5.72 -4.94 -1.77
N HIS A 29 -4.73 -4.43 -1.04
CA HIS A 29 -4.89 -3.18 -0.29
C HIS A 29 -5.12 -2.01 -1.23
N GLN A 30 -4.17 -1.81 -2.14
CA GLN A 30 -4.26 -0.71 -3.10
C GLN A 30 -5.71 -0.49 -3.55
N ARG A 31 -6.48 -1.57 -3.56
CA ARG A 31 -7.88 -1.51 -3.96
C ARG A 31 -8.63 -0.46 -3.14
N ILE A 32 -8.58 -0.58 -1.83
CA ILE A 32 -9.26 0.35 -0.94
C ILE A 32 -9.16 1.78 -1.47
N HIS A 33 -8.08 2.06 -2.19
CA HIS A 33 -7.87 3.39 -2.76
C HIS A 33 -8.58 3.53 -4.09
N THR A 34 -8.35 2.58 -4.99
CA THR A 34 -8.97 2.61 -6.31
C THR A 34 -10.39 2.01 -6.26
N GLY A 35 -11.38 2.88 -6.08
CA GLY A 35 -12.75 2.43 -6.02
C GLY A 35 -13.49 2.64 -7.32
N GLU A 36 -13.15 1.84 -8.32
CA GLU A 36 -13.79 1.95 -9.63
C GLU A 36 -15.28 2.25 -9.49
N ASN A 37 -15.94 1.54 -8.58
CA ASN A 37 -17.36 1.73 -8.35
C ASN A 37 -17.61 2.52 -7.06
N PRO A 38 -18.58 3.44 -7.11
CA PRO A 38 -18.93 4.28 -5.96
C PRO A 38 -19.59 3.49 -4.84
N SER A 39 -18.90 3.36 -3.71
CA SER A 39 -19.42 2.62 -2.57
C SER A 39 -19.96 3.57 -1.50
N GLY A 40 -20.61 4.65 -1.96
CA GLY A 40 -21.17 5.62 -1.03
C GLY A 40 -20.63 7.01 -1.28
N PRO A 41 -20.97 7.94 -0.37
CA PRO A 41 -20.53 9.33 -0.46
C PRO A 41 -19.03 9.49 -0.21
N SER A 42 -18.36 8.37 0.00
CA SER A 42 -16.92 8.38 0.26
C SER A 42 -16.23 9.50 -0.53
N SER A 43 -16.46 9.51 -1.84
CA SER A 43 -15.86 10.51 -2.70
C SER A 43 -15.91 11.90 -2.05
N GLY A 44 -14.77 12.33 -1.53
CA GLY A 44 -14.70 13.63 -0.89
C GLY A 44 -13.99 14.66 -1.73
ZN ZN B . -2.47 2.21 0.16
N GLY A 1 18.48 8.09 5.32
CA GLY A 1 19.38 6.95 5.45
C GLY A 1 18.63 5.64 5.48
N SER A 2 19.15 4.64 4.76
CA SER A 2 18.54 3.32 4.70
C SER A 2 19.59 2.23 4.74
N SER A 3 19.56 1.42 5.81
CA SER A 3 20.52 0.34 5.97
C SER A 3 19.82 -1.02 5.90
N GLY A 4 20.52 -2.01 5.33
CA GLY A 4 19.95 -3.33 5.21
C GLY A 4 19.97 -3.84 3.78
N SER A 5 21.17 -3.95 3.21
CA SER A 5 21.33 -4.42 1.84
C SER A 5 21.43 -5.94 1.80
N SER A 6 20.28 -6.60 1.70
CA SER A 6 20.24 -8.06 1.65
C SER A 6 18.94 -8.55 1.03
N GLY A 7 18.88 -9.84 0.71
CA GLY A 7 17.70 -10.41 0.11
C GLY A 7 16.42 -9.83 0.70
N GLU A 8 16.32 -9.87 2.02
CA GLU A 8 15.14 -9.35 2.71
C GLU A 8 14.62 -8.09 2.02
N LYS A 9 13.37 -8.12 1.58
CA LYS A 9 12.76 -6.98 0.91
C LYS A 9 11.23 -7.05 1.02
N LEU A 10 10.61 -5.90 1.28
CA LEU A 10 9.16 -5.83 1.39
C LEU A 10 8.59 -4.78 0.45
N HIS A 11 7.36 -5.00 0.00
CA HIS A 11 6.70 -4.07 -0.91
C HIS A 11 5.83 -3.08 -0.14
N GLU A 12 5.69 -1.87 -0.68
CA GLU A 12 4.88 -0.85 -0.04
C GLU A 12 3.86 -0.27 -1.01
N CYS A 13 2.88 0.46 -0.47
CA CYS A 13 1.84 1.06 -1.28
C CYS A 13 2.35 2.32 -1.98
N SER A 14 1.51 2.89 -2.84
CA SER A 14 1.86 4.10 -3.57
C SER A 14 1.04 5.29 -3.10
N GLU A 15 -0.05 5.01 -2.38
CA GLU A 15 -0.92 6.06 -1.88
C GLU A 15 -0.69 6.29 -0.38
N CYS A 16 -0.62 5.19 0.37
CA CYS A 16 -0.39 5.26 1.81
C CYS A 16 1.06 4.93 2.15
N ARG A 17 1.76 4.34 1.20
CA ARG A 17 3.17 3.97 1.40
C ARG A 17 3.30 2.98 2.56
N LYS A 18 2.37 2.04 2.63
CA LYS A 18 2.39 1.04 3.70
C LYS A 18 2.99 -0.27 3.20
N THR A 19 3.86 -0.86 4.01
CA THR A 19 4.52 -2.11 3.65
C THR A 19 3.61 -3.31 3.93
N PHE A 20 3.89 -4.42 3.26
CA PHE A 20 3.10 -5.63 3.43
C PHE A 20 3.99 -6.87 3.41
N SER A 21 3.66 -7.84 4.26
CA SER A 21 4.43 -9.08 4.35
C SER A 21 4.54 -9.74 2.98
N PHE A 22 3.41 -9.85 2.29
CA PHE A 22 3.37 -10.48 0.97
C PHE A 22 2.81 -9.51 -0.07
N HIS A 23 3.56 -9.31 -1.14
CA HIS A 23 3.13 -8.42 -2.22
C HIS A 23 1.66 -8.66 -2.58
N SER A 24 1.29 -9.93 -2.68
CA SER A 24 -0.07 -10.30 -3.02
C SER A 24 -1.08 -9.46 -2.23
N GLN A 25 -0.80 -9.28 -0.94
CA GLN A 25 -1.68 -8.50 -0.08
C GLN A 25 -1.76 -7.05 -0.54
N LEU A 26 -0.59 -6.40 -0.59
CA LEU A 26 -0.52 -5.00 -1.01
C LEU A 26 -1.53 -4.71 -2.11
N VAL A 27 -1.30 -5.30 -3.28
CA VAL A 27 -2.20 -5.11 -4.42
C VAL A 27 -3.65 -5.05 -3.97
N ILE A 28 -4.03 -5.95 -3.07
CA ILE A 28 -5.39 -6.01 -2.56
C ILE A 28 -5.73 -4.75 -1.76
N HIS A 29 -4.75 -4.26 -1.00
CA HIS A 29 -4.95 -3.06 -0.19
C HIS A 29 -5.16 -1.84 -1.07
N GLN A 30 -4.24 -1.62 -2.01
CA GLN A 30 -4.32 -0.49 -2.92
C GLN A 30 -5.76 -0.24 -3.34
N ARG A 31 -6.57 -1.30 -3.32
CA ARG A 31 -7.98 -1.19 -3.71
C ARG A 31 -8.71 -0.18 -2.84
N ILE A 32 -8.64 -0.39 -1.52
CA ILE A 32 -9.30 0.52 -0.58
C ILE A 32 -9.23 1.96 -1.05
N HIS A 33 -8.16 2.29 -1.77
CA HIS A 33 -7.98 3.63 -2.29
C HIS A 33 -8.79 3.85 -3.56
N THR A 34 -8.60 2.97 -4.54
CA THR A 34 -9.31 3.06 -5.80
C THR A 34 -9.69 1.68 -6.32
N GLY A 35 -10.92 1.54 -6.80
CA GLY A 35 -11.38 0.26 -7.33
C GLY A 35 -12.87 0.26 -7.60
N GLU A 36 -13.65 -0.13 -6.59
CA GLU A 36 -15.10 -0.18 -6.73
C GLU A 36 -15.63 1.08 -7.40
N ASN A 37 -15.32 2.23 -6.80
CA ASN A 37 -15.76 3.51 -7.33
C ASN A 37 -15.12 3.80 -8.69
N PRO A 38 -15.91 4.36 -9.62
CA PRO A 38 -15.44 4.69 -10.97
C PRO A 38 -14.45 5.86 -10.96
N SER A 39 -13.73 6.01 -12.06
CA SER A 39 -12.75 7.08 -12.18
C SER A 39 -13.44 8.44 -12.36
N GLY A 40 -14.26 8.55 -13.39
CA GLY A 40 -14.96 9.79 -13.64
C GLY A 40 -16.30 9.57 -14.33
N PRO A 41 -16.84 10.64 -14.93
CA PRO A 41 -18.12 10.59 -15.63
C PRO A 41 -18.05 9.78 -16.92
N SER A 42 -19.00 8.87 -17.10
CA SER A 42 -19.03 8.04 -18.29
C SER A 42 -20.44 7.51 -18.55
N SER A 43 -20.85 7.50 -19.82
CA SER A 43 -22.17 7.03 -20.20
C SER A 43 -22.12 5.60 -20.71
N GLY A 44 -22.40 4.65 -19.83
CA GLY A 44 -22.37 3.25 -20.21
C GLY A 44 -20.96 2.76 -20.51
ZN ZN B . -2.46 2.33 0.22
N GLY A 1 21.33 10.47 7.71
CA GLY A 1 20.79 9.91 8.93
C GLY A 1 21.17 8.44 9.11
N SER A 2 20.34 7.71 9.85
CA SER A 2 20.59 6.30 10.10
C SER A 2 20.88 5.57 8.79
N SER A 3 21.39 4.34 8.91
CA SER A 3 21.71 3.53 7.74
C SER A 3 21.02 2.17 7.81
N GLY A 4 20.76 1.58 6.65
CA GLY A 4 20.11 0.28 6.60
C GLY A 4 21.07 -0.84 6.29
N SER A 5 21.26 -1.74 7.25
CA SER A 5 22.18 -2.87 7.08
C SER A 5 21.52 -3.97 6.24
N SER A 6 20.39 -4.46 6.71
CA SER A 6 19.67 -5.52 6.01
C SER A 6 18.72 -4.94 4.97
N GLY A 7 18.07 -5.82 4.21
CA GLY A 7 17.13 -5.36 3.19
C GLY A 7 16.12 -6.43 2.83
N GLU A 8 15.20 -6.71 3.74
CA GLU A 8 14.17 -7.72 3.50
C GLU A 8 13.36 -7.38 2.25
N LYS A 9 12.44 -8.27 1.90
CA LYS A 9 11.60 -8.08 0.72
C LYS A 9 10.20 -7.62 1.13
N LEU A 10 10.02 -6.31 1.23
CA LEU A 10 8.74 -5.73 1.60
C LEU A 10 8.22 -4.81 0.51
N HIS A 11 6.95 -4.97 0.15
CA HIS A 11 6.33 -4.14 -0.88
C HIS A 11 5.40 -3.11 -0.26
N GLU A 12 5.79 -1.84 -0.32
CA GLU A 12 4.99 -0.76 0.24
C GLU A 12 4.07 -0.17 -0.82
N CYS A 13 3.00 0.48 -0.36
CA CYS A 13 2.04 1.10 -1.28
C CYS A 13 2.59 2.38 -1.88
N SER A 14 1.85 2.98 -2.79
CA SER A 14 2.27 4.21 -3.44
C SER A 14 1.41 5.39 -2.99
N GLU A 15 0.17 5.10 -2.61
CA GLU A 15 -0.75 6.14 -2.16
C GLU A 15 -0.62 6.36 -0.66
N CYS A 16 -0.63 5.28 0.10
CA CYS A 16 -0.52 5.35 1.56
C CYS A 16 0.90 5.01 2.01
N ARG A 17 1.66 4.39 1.12
CA ARG A 17 3.04 4.01 1.43
C ARG A 17 3.08 3.05 2.61
N LYS A 18 2.19 2.07 2.62
CA LYS A 18 2.12 1.09 3.70
C LYS A 18 2.83 -0.20 3.29
N THR A 19 3.69 -0.70 4.17
CA THR A 19 4.42 -1.92 3.91
C THR A 19 3.57 -3.15 4.20
N PHE A 20 3.88 -4.26 3.53
CA PHE A 20 3.13 -5.51 3.73
C PHE A 20 4.08 -6.69 3.80
N SER A 21 3.60 -7.79 4.37
CA SER A 21 4.41 -9.00 4.51
C SER A 21 4.77 -9.57 3.15
N PHE A 22 3.79 -9.62 2.25
CA PHE A 22 4.01 -10.14 0.91
C PHE A 22 3.31 -9.27 -0.13
N HIS A 23 3.86 -9.25 -1.34
CA HIS A 23 3.29 -8.46 -2.43
C HIS A 23 1.81 -8.78 -2.61
N SER A 24 1.50 -10.06 -2.77
CA SER A 24 0.12 -10.50 -2.95
C SER A 24 -0.84 -9.63 -2.15
N GLN A 25 -0.57 -9.49 -0.86
CA GLN A 25 -1.42 -8.69 0.02
C GLN A 25 -1.53 -7.26 -0.51
N LEU A 26 -0.39 -6.58 -0.62
CA LEU A 26 -0.36 -5.20 -1.10
C LEU A 26 -1.41 -4.99 -2.18
N VAL A 27 -1.22 -5.65 -3.32
CA VAL A 27 -2.14 -5.53 -4.44
C VAL A 27 -3.58 -5.46 -3.96
N ILE A 28 -3.91 -6.30 -2.98
CA ILE A 28 -5.26 -6.34 -2.42
C ILE A 28 -5.60 -5.02 -1.73
N HIS A 29 -4.63 -4.47 -1.01
CA HIS A 29 -4.83 -3.21 -0.30
C HIS A 29 -5.12 -2.08 -1.28
N GLN A 30 -4.18 -1.83 -2.19
CA GLN A 30 -4.35 -0.77 -3.17
C GLN A 30 -5.81 -0.63 -3.60
N ARG A 31 -6.53 -1.74 -3.61
CA ARG A 31 -7.93 -1.75 -3.99
C ARG A 31 -8.71 -0.70 -3.20
N ILE A 32 -8.65 -0.81 -1.88
CA ILE A 32 -9.35 0.13 -1.01
C ILE A 32 -9.31 1.54 -1.56
N HIS A 33 -8.23 1.86 -2.28
CA HIS A 33 -8.06 3.18 -2.88
C HIS A 33 -8.78 3.26 -4.21
N THR A 34 -8.49 2.31 -5.10
CA THR A 34 -9.11 2.29 -6.43
C THR A 34 -10.60 1.96 -6.32
N GLY A 35 -11.41 3.00 -6.15
CA GLY A 35 -12.84 2.80 -6.03
C GLY A 35 -13.54 3.98 -5.38
N GLU A 36 -13.48 4.05 -4.05
CA GLU A 36 -14.10 5.13 -3.30
C GLU A 36 -13.26 5.52 -2.10
N ASN A 37 -13.62 6.64 -1.48
CA ASN A 37 -12.88 7.14 -0.32
C ASN A 37 -13.69 6.93 0.96
N PRO A 38 -13.57 5.73 1.54
CA PRO A 38 -14.28 5.38 2.77
C PRO A 38 -13.75 6.13 3.99
N SER A 39 -14.38 7.25 4.31
CA SER A 39 -13.97 8.08 5.44
C SER A 39 -15.05 8.10 6.51
N GLY A 40 -14.65 7.90 7.76
CA GLY A 40 -15.60 7.90 8.86
C GLY A 40 -14.93 7.81 10.21
N PRO A 41 -14.49 8.97 10.74
CA PRO A 41 -13.82 9.04 12.04
C PRO A 41 -14.76 8.76 13.20
N SER A 42 -14.21 8.30 14.32
CA SER A 42 -15.00 7.99 15.49
C SER A 42 -15.79 9.21 15.96
N SER A 43 -17.02 9.31 15.50
CA SER A 43 -17.88 10.45 15.87
C SER A 43 -18.54 10.21 17.22
N GLY A 44 -17.74 9.80 18.20
CA GLY A 44 -18.25 9.53 19.53
C GLY A 44 -17.99 8.12 19.98
ZN ZN B . -2.39 2.17 -0.04
N GLY A 1 24.32 0.78 12.34
CA GLY A 1 25.36 1.60 11.73
C GLY A 1 25.52 1.31 10.25
N SER A 2 25.54 0.03 9.89
CA SER A 2 25.69 -0.38 8.51
C SER A 2 25.00 -1.71 8.25
N SER A 3 24.28 -1.80 7.13
CA SER A 3 23.57 -3.02 6.77
C SER A 3 24.35 -3.82 5.74
N GLY A 4 23.85 -5.00 5.41
CA GLY A 4 24.52 -5.85 4.44
C GLY A 4 24.00 -5.65 3.03
N SER A 5 23.34 -6.66 2.48
CA SER A 5 22.80 -6.58 1.14
C SER A 5 21.58 -5.67 1.10
N SER A 6 20.68 -5.84 2.05
CA SER A 6 19.47 -5.03 2.13
C SER A 6 18.70 -5.08 0.81
N GLY A 7 18.61 -6.28 0.22
CA GLY A 7 17.91 -6.44 -1.03
C GLY A 7 16.47 -6.89 -0.85
N GLU A 8 15.90 -7.47 -1.89
CA GLU A 8 14.53 -7.96 -1.84
C GLU A 8 13.66 -7.02 -1.01
N LYS A 9 13.84 -5.73 -1.20
CA LYS A 9 13.07 -4.72 -0.47
C LYS A 9 11.61 -5.15 -0.32
N LEU A 10 11.01 -4.80 0.80
CA LEU A 10 9.61 -5.15 1.06
C LEU A 10 8.68 -4.27 0.22
N HIS A 11 7.63 -4.90 -0.31
CA HIS A 11 6.66 -4.18 -1.13
C HIS A 11 5.82 -3.24 -0.26
N GLU A 12 5.48 -2.08 -0.83
CA GLU A 12 4.68 -1.09 -0.11
C GLU A 12 3.72 -0.38 -1.05
N CYS A 13 2.72 0.29 -0.48
CA CYS A 13 1.73 1.01 -1.28
C CYS A 13 2.33 2.29 -1.86
N SER A 14 1.56 2.96 -2.71
CA SER A 14 2.02 4.19 -3.34
C SER A 14 1.21 5.40 -2.82
N GLU A 15 0.00 5.12 -2.34
CA GLU A 15 -0.86 6.17 -1.83
C GLU A 15 -0.59 6.43 -0.35
N CYS A 16 -0.59 5.36 0.44
CA CYS A 16 -0.34 5.45 1.87
C CYS A 16 1.07 4.98 2.21
N ARG A 17 1.70 4.29 1.27
CA ARG A 17 3.06 3.78 1.47
C ARG A 17 3.10 2.81 2.65
N LYS A 18 2.18 1.86 2.67
CA LYS A 18 2.11 0.87 3.73
C LYS A 18 2.88 -0.39 3.34
N THR A 19 3.65 -0.93 4.29
CA THR A 19 4.42 -2.13 4.05
C THR A 19 3.60 -3.38 4.31
N PHE A 20 3.79 -4.40 3.49
CA PHE A 20 3.05 -5.65 3.63
C PHE A 20 4.01 -6.86 3.61
N SER A 21 3.65 -7.90 4.34
CA SER A 21 4.47 -9.10 4.41
C SER A 21 4.70 -9.68 3.02
N PHE A 22 3.63 -9.73 2.22
CA PHE A 22 3.71 -10.27 0.87
C PHE A 22 2.98 -9.35 -0.12
N HIS A 23 3.47 -9.32 -1.36
CA HIS A 23 2.87 -8.50 -2.40
C HIS A 23 1.38 -8.83 -2.57
N SER A 24 1.07 -10.11 -2.55
CA SER A 24 -0.31 -10.57 -2.71
C SER A 24 -1.27 -9.64 -1.97
N GLN A 25 -1.01 -9.42 -0.69
CA GLN A 25 -1.85 -8.56 0.13
C GLN A 25 -1.85 -7.13 -0.40
N LEU A 26 -0.66 -6.53 -0.48
CA LEU A 26 -0.53 -5.17 -0.98
C LEU A 26 -1.52 -4.90 -2.11
N VAL A 27 -1.35 -5.59 -3.23
CA VAL A 27 -2.23 -5.42 -4.38
C VAL A 27 -3.68 -5.27 -3.93
N ILE A 28 -4.10 -6.12 -3.01
CA ILE A 28 -5.47 -6.08 -2.49
C ILE A 28 -5.74 -4.77 -1.77
N HIS A 29 -4.76 -4.29 -1.02
CA HIS A 29 -4.89 -3.04 -0.28
C HIS A 29 -5.09 -1.86 -1.23
N GLN A 30 -4.14 -1.68 -2.14
CA GLN A 30 -4.20 -0.59 -3.10
C GLN A 30 -5.64 -0.32 -3.52
N ARG A 31 -6.46 -1.38 -3.53
CA ARG A 31 -7.86 -1.25 -3.92
C ARG A 31 -8.56 -0.16 -3.09
N ILE A 32 -8.52 -0.32 -1.77
CA ILE A 32 -9.15 0.64 -0.87
C ILE A 32 -9.03 2.06 -1.42
N HIS A 33 -7.93 2.34 -2.10
CA HIS A 33 -7.70 3.66 -2.68
C HIS A 33 -8.46 3.82 -3.99
N THR A 34 -8.28 2.85 -4.90
CA THR A 34 -8.95 2.88 -6.19
C THR A 34 -9.80 1.64 -6.40
N GLY A 35 -11.06 1.84 -6.74
CA GLY A 35 -11.96 0.72 -6.97
C GLY A 35 -13.28 0.87 -6.22
N GLU A 36 -13.60 -0.13 -5.40
CA GLU A 36 -14.84 -0.11 -4.62
C GLU A 36 -14.57 0.30 -3.19
N ASN A 37 -15.45 1.11 -2.62
CA ASN A 37 -15.32 1.57 -1.25
C ASN A 37 -16.57 1.27 -0.44
N PRO A 38 -16.65 0.04 0.09
CA PRO A 38 -17.81 -0.38 0.90
C PRO A 38 -17.87 0.32 2.25
N SER A 39 -16.91 1.21 2.50
CA SER A 39 -16.86 1.95 3.75
C SER A 39 -18.18 2.64 4.03
N GLY A 40 -18.38 3.04 5.28
CA GLY A 40 -19.61 3.72 5.66
C GLY A 40 -19.36 4.98 6.46
N PRO A 41 -19.39 4.86 7.79
CA PRO A 41 -19.17 5.99 8.69
C PRO A 41 -17.72 6.48 8.67
N SER A 42 -17.54 7.78 8.48
CA SER A 42 -16.21 8.37 8.44
C SER A 42 -16.05 9.45 9.51
N SER A 43 -15.02 9.33 10.32
CA SER A 43 -14.76 10.29 11.39
C SER A 43 -13.27 10.36 11.71
N GLY A 44 -12.71 11.57 11.67
CA GLY A 44 -11.30 11.75 11.95
C GLY A 44 -10.79 13.10 11.48
ZN ZN B . -2.53 2.23 0.37
N GLY A 1 19.55 12.34 16.46
CA GLY A 1 19.69 11.00 15.90
C GLY A 1 19.00 9.94 16.73
N SER A 2 17.68 9.88 16.63
CA SER A 2 16.90 8.90 17.39
C SER A 2 16.51 7.72 16.50
N SER A 3 16.02 8.01 15.31
CA SER A 3 15.60 6.97 14.38
C SER A 3 15.65 7.48 12.93
N GLY A 4 15.74 6.56 11.98
CA GLY A 4 15.79 6.94 10.59
C GLY A 4 16.84 6.15 9.81
N SER A 5 16.65 4.85 9.74
CA SER A 5 17.60 3.98 9.02
C SER A 5 16.86 2.86 8.30
N SER A 6 17.43 2.42 7.18
CA SER A 6 16.83 1.35 6.39
C SER A 6 17.53 0.03 6.63
N GLY A 7 16.78 -1.07 6.57
CA GLY A 7 17.36 -2.38 6.79
C GLY A 7 16.90 -3.39 5.75
N GLU A 8 15.69 -3.89 5.90
CA GLU A 8 15.14 -4.86 4.97
C GLU A 8 14.02 -4.26 4.13
N LYS A 9 14.18 -4.32 2.81
CA LYS A 9 13.19 -3.77 1.89
C LYS A 9 11.97 -4.69 1.80
N LEU A 10 10.80 -4.07 1.65
CA LEU A 10 9.56 -4.83 1.54
C LEU A 10 8.55 -4.10 0.67
N HIS A 11 7.69 -4.87 0.00
CA HIS A 11 6.67 -4.29 -0.88
C HIS A 11 5.73 -3.38 -0.08
N GLU A 12 5.44 -2.21 -0.63
CA GLU A 12 4.56 -1.26 0.03
C GLU A 12 3.65 -0.57 -0.99
N CYS A 13 2.64 0.13 -0.49
CA CYS A 13 1.69 0.83 -1.35
C CYS A 13 2.33 2.06 -1.97
N SER A 14 1.60 2.72 -2.87
CA SER A 14 2.11 3.90 -3.55
C SER A 14 1.32 5.14 -3.12
N GLU A 15 0.07 4.93 -2.72
CA GLU A 15 -0.79 6.03 -2.29
C GLU A 15 -0.61 6.31 -0.80
N CYS A 16 -0.68 5.25 0.00
CA CYS A 16 -0.53 5.37 1.44
C CYS A 16 0.88 4.99 1.88
N ARG A 17 1.60 4.28 1.01
CA ARG A 17 2.97 3.87 1.30
C ARG A 17 2.99 2.91 2.49
N LYS A 18 2.04 1.99 2.54
CA LYS A 18 1.97 1.02 3.61
C LYS A 18 2.71 -0.25 3.25
N THR A 19 3.48 -0.79 4.21
CA THR A 19 4.24 -2.00 4.00
C THR A 19 3.38 -3.24 4.18
N PHE A 20 3.80 -4.35 3.57
CA PHE A 20 3.06 -5.60 3.66
C PHE A 20 4.01 -6.79 3.72
N SER A 21 3.57 -7.86 4.39
CA SER A 21 4.38 -9.06 4.52
C SER A 21 4.45 -9.82 3.21
N PHE A 22 3.31 -9.91 2.52
CA PHE A 22 3.24 -10.61 1.25
C PHE A 22 2.80 -9.67 0.13
N HIS A 23 3.59 -9.63 -0.94
CA HIS A 23 3.28 -8.77 -2.08
C HIS A 23 1.82 -8.92 -2.49
N SER A 24 1.36 -10.17 -2.59
CA SER A 24 -0.01 -10.46 -2.98
C SER A 24 -1.00 -9.57 -2.21
N GLN A 25 -0.75 -9.41 -0.92
CA GLN A 25 -1.61 -8.59 -0.07
C GLN A 25 -1.61 -7.14 -0.54
N LEU A 26 -0.45 -6.51 -0.52
CA LEU A 26 -0.32 -5.13 -0.95
C LEU A 26 -1.23 -4.84 -2.14
N VAL A 27 -0.96 -5.52 -3.26
CA VAL A 27 -1.75 -5.33 -4.46
C VAL A 27 -3.24 -5.26 -4.13
N ILE A 28 -3.71 -6.16 -3.28
CA ILE A 28 -5.11 -6.19 -2.89
C ILE A 28 -5.49 -4.91 -2.15
N HIS A 29 -4.59 -4.43 -1.30
CA HIS A 29 -4.84 -3.22 -0.54
C HIS A 29 -5.06 -2.02 -1.46
N GLN A 30 -4.09 -1.77 -2.33
CA GLN A 30 -4.18 -0.66 -3.27
C GLN A 30 -5.61 -0.45 -3.73
N ARG A 31 -6.38 -1.53 -3.79
CA ARG A 31 -7.78 -1.46 -4.22
C ARG A 31 -8.54 -0.43 -3.39
N ILE A 32 -8.53 -0.62 -2.07
CA ILE A 32 -9.23 0.29 -1.17
C ILE A 32 -9.17 1.72 -1.68
N HIS A 33 -8.06 2.08 -2.32
CA HIS A 33 -7.88 3.42 -2.86
C HIS A 33 -8.73 3.61 -4.12
N THR A 34 -8.46 2.80 -5.13
CA THR A 34 -9.19 2.89 -6.39
C THR A 34 -10.69 2.91 -6.14
N GLY A 35 -11.17 2.02 -5.28
CA GLY A 35 -12.59 1.96 -4.98
C GLY A 35 -13.03 3.07 -4.05
N GLU A 36 -12.67 2.96 -2.78
CA GLU A 36 -13.03 3.97 -1.78
C GLU A 36 -14.42 4.54 -2.07
N ASN A 37 -15.31 3.69 -2.56
CA ASN A 37 -16.67 4.10 -2.88
C ASN A 37 -17.68 3.46 -1.95
N PRO A 38 -17.73 3.95 -0.69
CA PRO A 38 -18.65 3.42 0.32
C PRO A 38 -20.10 3.78 0.02
N SER A 39 -20.79 2.88 -0.67
CA SER A 39 -22.19 3.09 -1.02
C SER A 39 -22.86 1.79 -1.41
N GLY A 40 -24.18 1.82 -1.58
CA GLY A 40 -24.92 0.63 -1.95
C GLY A 40 -26.36 0.93 -2.29
N PRO A 41 -26.62 1.24 -3.58
CA PRO A 41 -27.97 1.55 -4.06
C PRO A 41 -28.87 0.33 -4.07
N SER A 42 -30.13 0.53 -3.68
CA SER A 42 -31.11 -0.56 -3.64
C SER A 42 -32.41 -0.14 -4.31
N SER A 43 -32.48 -0.33 -5.63
CA SER A 43 -33.67 0.02 -6.39
C SER A 43 -34.85 -0.87 -6.01
N GLY A 44 -34.65 -2.18 -6.14
CA GLY A 44 -35.70 -3.11 -5.81
C GLY A 44 -36.47 -2.72 -4.57
ZN ZN B . -2.64 2.19 0.02
N GLY A 1 24.39 11.88 14.92
CA GLY A 1 23.11 11.83 14.22
C GLY A 1 22.44 10.47 14.37
N SER A 2 21.12 10.46 14.19
CA SER A 2 20.35 9.22 14.32
C SER A 2 19.82 8.77 12.96
N SER A 3 20.20 7.56 12.56
CA SER A 3 19.76 7.02 11.28
C SER A 3 18.44 6.26 11.42
N GLY A 4 17.84 5.93 10.30
CA GLY A 4 16.57 5.21 10.32
C GLY A 4 16.63 3.92 9.52
N SER A 5 17.62 3.08 9.80
CA SER A 5 17.78 1.82 9.09
C SER A 5 17.78 0.64 10.08
N SER A 6 17.32 -0.51 9.62
CA SER A 6 17.28 -1.70 10.45
C SER A 6 17.80 -2.92 9.69
N GLY A 7 17.34 -3.09 8.46
CA GLY A 7 17.78 -4.21 7.64
C GLY A 7 16.61 -5.03 7.12
N GLU A 8 15.59 -4.34 6.60
CA GLU A 8 14.42 -5.02 6.06
C GLU A 8 13.99 -4.38 4.75
N LYS A 9 13.14 -5.08 4.01
CA LYS A 9 12.64 -4.58 2.73
C LYS A 9 11.42 -5.37 2.27
N LEU A 10 10.33 -4.67 2.01
CA LEU A 10 9.10 -5.31 1.57
C LEU A 10 8.36 -4.42 0.56
N HIS A 11 7.35 -5.00 -0.08
CA HIS A 11 6.56 -4.26 -1.07
C HIS A 11 5.59 -3.29 -0.39
N GLU A 12 5.87 -2.01 -0.51
CA GLU A 12 5.03 -0.98 0.10
C GLU A 12 4.06 -0.40 -0.93
N CYS A 13 3.12 0.41 -0.45
CA CYS A 13 2.14 1.04 -1.33
C CYS A 13 2.69 2.31 -1.95
N SER A 14 1.86 2.98 -2.76
CA SER A 14 2.27 4.21 -3.42
C SER A 14 1.43 5.39 -2.95
N GLU A 15 0.21 5.09 -2.50
CA GLU A 15 -0.70 6.13 -2.02
C GLU A 15 -0.52 6.36 -0.51
N CYS A 16 -0.37 5.27 0.23
CA CYS A 16 -0.19 5.35 1.68
C CYS A 16 1.19 4.83 2.08
N ARG A 17 1.91 4.26 1.12
CA ARG A 17 3.24 3.73 1.38
C ARG A 17 3.21 2.72 2.53
N LYS A 18 2.17 1.89 2.55
CA LYS A 18 2.03 0.88 3.59
C LYS A 18 2.80 -0.39 3.24
N THR A 19 3.59 -0.88 4.19
CA THR A 19 4.37 -2.09 3.98
C THR A 19 3.53 -3.34 4.20
N PHE A 20 3.84 -4.39 3.46
CA PHE A 20 3.11 -5.66 3.56
C PHE A 20 4.07 -6.84 3.56
N SER A 21 3.84 -7.78 4.45
CA SER A 21 4.69 -8.97 4.55
C SER A 21 4.79 -9.67 3.20
N PHE A 22 3.66 -9.82 2.52
CA PHE A 22 3.63 -10.47 1.22
C PHE A 22 2.97 -9.57 0.18
N HIS A 23 3.69 -9.31 -0.90
CA HIS A 23 3.18 -8.46 -1.98
C HIS A 23 1.73 -8.80 -2.29
N SER A 24 1.44 -10.09 -2.45
CA SER A 24 0.09 -10.54 -2.74
C SER A 24 -0.95 -9.66 -2.06
N GLN A 25 -0.74 -9.42 -0.77
CA GLN A 25 -1.67 -8.60 0.01
C GLN A 25 -1.68 -7.17 -0.51
N LEU A 26 -0.50 -6.56 -0.57
CA LEU A 26 -0.38 -5.18 -1.04
C LEU A 26 -1.33 -4.91 -2.21
N VAL A 27 -1.08 -5.57 -3.33
CA VAL A 27 -1.92 -5.42 -4.51
C VAL A 27 -3.40 -5.32 -4.13
N ILE A 28 -3.82 -6.20 -3.23
CA ILE A 28 -5.21 -6.22 -2.78
C ILE A 28 -5.57 -4.93 -2.03
N HIS A 29 -4.60 -4.41 -1.28
CA HIS A 29 -4.82 -3.19 -0.52
C HIS A 29 -5.05 -2.00 -1.45
N GLN A 30 -4.18 -1.85 -2.44
CA GLN A 30 -4.29 -0.76 -3.40
C GLN A 30 -5.73 -0.63 -3.91
N ARG A 31 -6.50 -1.70 -3.77
CA ARG A 31 -7.88 -1.70 -4.22
C ARG A 31 -8.71 -0.69 -3.43
N ILE A 32 -8.49 -0.65 -2.12
CA ILE A 32 -9.22 0.27 -1.24
C ILE A 32 -9.04 1.71 -1.71
N HIS A 33 -7.91 1.99 -2.35
CA HIS A 33 -7.62 3.33 -2.84
C HIS A 33 -8.43 3.63 -4.09
N THR A 34 -9.02 2.59 -4.68
CA THR A 34 -9.83 2.75 -5.88
C THR A 34 -11.22 2.14 -5.69
N GLY A 35 -12.24 2.87 -6.13
CA GLY A 35 -13.61 2.39 -6.01
C GLY A 35 -14.62 3.51 -6.00
N GLU A 36 -15.87 3.19 -6.29
CA GLU A 36 -16.93 4.18 -6.31
C GLU A 36 -18.16 3.68 -5.55
N ASN A 37 -18.26 4.06 -4.29
CA ASN A 37 -19.37 3.66 -3.45
C ASN A 37 -19.92 4.83 -2.64
N PRO A 38 -21.20 4.75 -2.26
CA PRO A 38 -21.87 5.80 -1.48
C PRO A 38 -21.34 5.89 -0.05
N SER A 39 -20.60 4.86 0.37
CA SER A 39 -20.04 4.82 1.71
C SER A 39 -19.38 6.15 2.06
N GLY A 40 -20.07 6.95 2.86
CA GLY A 40 -19.54 8.24 3.26
C GLY A 40 -19.72 8.50 4.75
N PRO A 41 -18.79 7.99 5.57
CA PRO A 41 -18.84 8.16 7.03
C PRO A 41 -18.55 9.59 7.44
N SER A 42 -19.60 10.37 7.68
CA SER A 42 -19.46 11.77 8.08
C SER A 42 -18.39 11.91 9.16
N SER A 43 -17.88 13.12 9.32
CA SER A 43 -16.84 13.39 10.31
C SER A 43 -17.46 13.74 11.66
N GLY A 44 -16.68 13.56 12.72
CA GLY A 44 -17.16 13.87 14.05
C GLY A 44 -16.48 15.08 14.66
ZN ZN B . -2.12 2.59 -0.16
N GLY A 1 4.46 -5.70 20.53
CA GLY A 1 3.79 -6.49 21.55
C GLY A 1 4.36 -7.89 21.65
N SER A 2 3.53 -8.89 21.36
CA SER A 2 3.95 -10.28 21.42
C SER A 2 4.58 -10.72 20.10
N SER A 3 3.79 -10.66 19.03
CA SER A 3 4.26 -11.06 17.71
C SER A 3 4.42 -9.84 16.81
N GLY A 4 5.45 -9.87 15.97
CA GLY A 4 5.71 -8.76 15.07
C GLY A 4 6.07 -9.23 13.67
N SER A 5 5.91 -8.34 12.70
CA SER A 5 6.22 -8.67 11.30
C SER A 5 7.69 -8.41 11.00
N SER A 6 8.29 -9.28 10.20
CA SER A 6 9.69 -9.15 9.84
C SER A 6 9.98 -9.85 8.50
N GLY A 7 10.84 -9.23 7.70
CA GLY A 7 11.18 -9.81 6.41
C GLY A 7 12.23 -9.00 5.68
N GLU A 8 13.09 -9.68 4.92
CA GLU A 8 14.15 -9.02 4.18
C GLU A 8 13.57 -8.24 3.00
N LYS A 9 12.38 -8.62 2.57
CA LYS A 9 11.71 -7.96 1.45
C LYS A 9 10.37 -7.38 1.88
N LEU A 10 10.09 -6.16 1.43
CA LEU A 10 8.84 -5.49 1.78
C LEU A 10 8.30 -4.70 0.58
N HIS A 11 7.00 -4.79 0.35
CA HIS A 11 6.37 -4.08 -0.75
C HIS A 11 5.45 -2.99 -0.23
N GLU A 12 5.97 -1.79 -0.10
CA GLU A 12 5.19 -0.65 0.38
C GLU A 12 4.25 -0.13 -0.70
N CYS A 13 3.18 0.52 -0.27
CA CYS A 13 2.20 1.07 -1.20
C CYS A 13 2.73 2.33 -1.89
N SER A 14 1.93 2.89 -2.79
CA SER A 14 2.33 4.09 -3.51
C SER A 14 1.46 5.28 -3.11
N GLU A 15 0.25 4.99 -2.67
CA GLU A 15 -0.67 6.04 -2.24
C GLU A 15 -0.52 6.33 -0.75
N CYS A 16 -0.50 5.28 0.06
CA CYS A 16 -0.36 5.42 1.50
C CYS A 16 1.03 4.99 1.96
N ARG A 17 1.78 4.37 1.05
CA ARG A 17 3.13 3.91 1.36
C ARG A 17 3.13 2.98 2.57
N LYS A 18 2.27 1.96 2.52
CA LYS A 18 2.18 1.00 3.61
C LYS A 18 2.86 -0.31 3.25
N THR A 19 3.70 -0.80 4.15
CA THR A 19 4.41 -2.05 3.93
C THR A 19 3.53 -3.26 4.22
N PHE A 20 3.83 -4.38 3.56
CA PHE A 20 3.06 -5.60 3.75
C PHE A 20 3.97 -6.82 3.79
N SER A 21 3.44 -7.93 4.30
CA SER A 21 4.22 -9.17 4.39
C SER A 21 4.60 -9.68 3.01
N PHE A 22 3.63 -9.71 2.10
CA PHE A 22 3.87 -10.17 0.75
C PHE A 22 3.14 -9.29 -0.27
N HIS A 23 3.73 -9.14 -1.45
CA HIS A 23 3.14 -8.32 -2.50
C HIS A 23 1.67 -8.68 -2.70
N SER A 24 1.36 -9.98 -2.67
CA SER A 24 0.00 -10.45 -2.86
C SER A 24 -0.99 -9.55 -2.12
N GLN A 25 -0.77 -9.38 -0.82
CA GLN A 25 -1.65 -8.55 0.00
C GLN A 25 -1.67 -7.11 -0.52
N LEU A 26 -0.49 -6.52 -0.63
CA LEU A 26 -0.37 -5.14 -1.11
C LEU A 26 -1.39 -4.86 -2.21
N VAL A 27 -1.25 -5.55 -3.34
CA VAL A 27 -2.17 -5.38 -4.45
C VAL A 27 -3.61 -5.24 -3.98
N ILE A 28 -4.02 -6.16 -3.11
CA ILE A 28 -5.38 -6.14 -2.57
C ILE A 28 -5.66 -4.84 -1.83
N HIS A 29 -4.66 -4.35 -1.11
CA HIS A 29 -4.80 -3.11 -0.36
C HIS A 29 -5.05 -1.92 -1.29
N GLN A 30 -4.12 -1.70 -2.22
CA GLN A 30 -4.25 -0.61 -3.18
C GLN A 30 -5.69 -0.46 -3.64
N ARG A 31 -6.44 -1.56 -3.61
CA ARG A 31 -7.83 -1.54 -4.04
C ARG A 31 -8.63 -0.53 -3.23
N ILE A 32 -8.64 -0.69 -1.92
CA ILE A 32 -9.37 0.22 -1.04
C ILE A 32 -9.33 1.64 -1.57
N HIS A 33 -8.19 2.03 -2.13
CA HIS A 33 -8.01 3.37 -2.67
C HIS A 33 -8.74 3.51 -4.00
N THR A 34 -8.57 2.51 -4.87
CA THR A 34 -9.20 2.52 -6.18
C THR A 34 -10.54 1.79 -6.16
N GLY A 35 -11.63 2.54 -6.33
CA GLY A 35 -12.95 1.95 -6.32
C GLY A 35 -13.47 1.73 -4.92
N GLU A 36 -13.17 2.66 -4.02
CA GLU A 36 -13.63 2.56 -2.63
C GLU A 36 -13.33 3.86 -1.88
N ASN A 37 -14.05 4.06 -0.77
CA ASN A 37 -13.87 5.25 0.05
C ASN A 37 -13.47 4.87 1.47
N PRO A 38 -12.18 4.59 1.67
CA PRO A 38 -11.64 4.22 2.98
C PRO A 38 -11.63 5.39 3.96
N SER A 39 -12.04 5.12 5.19
CA SER A 39 -12.07 6.16 6.22
C SER A 39 -10.71 6.31 6.90
N GLY A 40 -9.95 7.30 6.46
CA GLY A 40 -8.63 7.53 7.04
C GLY A 40 -7.63 8.00 6.01
N PRO A 41 -7.56 9.33 5.81
CA PRO A 41 -6.64 9.95 4.86
C PRO A 41 -5.18 9.85 5.30
N SER A 42 -4.27 10.22 4.41
CA SER A 42 -2.85 10.16 4.71
C SER A 42 -2.21 11.55 4.56
N SER A 43 -1.49 11.97 5.59
CA SER A 43 -0.82 13.27 5.59
C SER A 43 0.14 13.40 6.76
N GLY A 44 1.28 14.03 6.51
CA GLY A 44 2.27 14.21 7.55
C GLY A 44 3.50 13.34 7.34
ZN ZN B . -2.18 2.39 -0.12
N GLY A 1 17.11 7.61 18.01
CA GLY A 1 18.25 7.33 17.17
C GLY A 1 18.66 5.87 17.20
N SER A 2 18.09 5.08 16.31
CA SER A 2 18.40 3.65 16.24
C SER A 2 17.90 3.05 14.93
N SER A 3 18.39 1.86 14.61
CA SER A 3 18.01 1.18 13.37
C SER A 3 18.49 -0.26 13.38
N GLY A 4 18.10 -1.03 12.36
CA GLY A 4 18.49 -2.41 12.27
C GLY A 4 17.93 -3.10 11.04
N SER A 5 16.90 -3.91 11.23
CA SER A 5 16.27 -4.63 10.13
C SER A 5 14.97 -3.94 9.71
N SER A 6 15.09 -2.90 8.89
CA SER A 6 13.94 -2.16 8.42
C SER A 6 13.78 -2.30 6.91
N GLY A 7 12.55 -2.13 6.42
CA GLY A 7 12.29 -2.25 5.00
C GLY A 7 13.10 -3.37 4.35
N GLU A 8 12.89 -4.59 4.82
CA GLU A 8 13.61 -5.74 4.28
C GLU A 8 13.07 -6.12 2.90
N LYS A 9 13.51 -5.39 1.88
CA LYS A 9 13.06 -5.64 0.52
C LYS A 9 11.59 -6.01 0.48
N LEU A 10 10.79 -5.35 1.32
CA LEU A 10 9.36 -5.61 1.37
C LEU A 10 8.60 -4.71 0.40
N HIS A 11 7.40 -5.14 0.00
CA HIS A 11 6.58 -4.37 -0.92
C HIS A 11 5.62 -3.47 -0.15
N GLU A 12 5.64 -2.18 -0.48
CA GLU A 12 4.78 -1.21 0.17
C GLU A 12 3.87 -0.53 -0.84
N CYS A 13 2.78 0.08 -0.34
CA CYS A 13 1.83 0.77 -1.20
C CYS A 13 2.46 2.01 -1.83
N SER A 14 1.79 2.56 -2.83
CA SER A 14 2.28 3.76 -3.52
C SER A 14 1.40 4.96 -3.20
N GLU A 15 0.23 4.70 -2.64
CA GLU A 15 -0.70 5.78 -2.29
C GLU A 15 -0.54 6.17 -0.82
N CYS A 16 -0.45 5.17 0.05
CA CYS A 16 -0.29 5.41 1.48
C CYS A 16 1.12 5.06 1.94
N ARG A 17 1.86 4.36 1.08
CA ARG A 17 3.23 3.97 1.40
C ARG A 17 3.25 3.04 2.62
N LYS A 18 2.31 2.11 2.68
CA LYS A 18 2.22 1.17 3.79
C LYS A 18 2.95 -0.13 3.44
N THR A 19 3.57 -0.74 4.46
CA THR A 19 4.30 -1.98 4.27
C THR A 19 3.38 -3.19 4.40
N PHE A 20 3.68 -4.25 3.67
CA PHE A 20 2.88 -5.47 3.71
C PHE A 20 3.76 -6.70 3.82
N SER A 21 3.24 -7.75 4.45
CA SER A 21 3.98 -8.98 4.63
C SER A 21 4.35 -9.60 3.28
N PHE A 22 3.36 -9.66 2.39
CA PHE A 22 3.58 -10.23 1.06
C PHE A 22 2.94 -9.35 -0.02
N HIS A 23 3.70 -9.07 -1.08
CA HIS A 23 3.21 -8.25 -2.17
C HIS A 23 1.75 -8.58 -2.49
N SER A 24 1.47 -9.87 -2.66
CA SER A 24 0.11 -10.31 -2.98
C SER A 24 -0.92 -9.44 -2.27
N GLN A 25 -0.75 -9.26 -0.97
CA GLN A 25 -1.67 -8.45 -0.18
C GLN A 25 -1.67 -7.00 -0.66
N LEU A 26 -0.49 -6.40 -0.71
CA LEU A 26 -0.35 -5.02 -1.15
C LEU A 26 -1.30 -4.72 -2.31
N VAL A 27 -1.08 -5.37 -3.44
CA VAL A 27 -1.92 -5.18 -4.62
C VAL A 27 -3.39 -5.13 -4.24
N ILE A 28 -3.81 -6.06 -3.39
CA ILE A 28 -5.20 -6.11 -2.95
C ILE A 28 -5.58 -4.85 -2.17
N HIS A 29 -4.64 -4.36 -1.38
CA HIS A 29 -4.87 -3.16 -0.57
C HIS A 29 -5.07 -1.94 -1.46
N GLN A 30 -4.12 -1.68 -2.34
CA GLN A 30 -4.19 -0.55 -3.25
C GLN A 30 -5.63 -0.30 -3.69
N ARG A 31 -6.40 -1.38 -3.78
CA ARG A 31 -7.80 -1.29 -4.20
C ARG A 31 -8.56 -0.32 -3.30
N ILE A 32 -8.51 -0.56 -2.00
CA ILE A 32 -9.19 0.29 -1.04
C ILE A 32 -9.21 1.75 -1.50
N HIS A 33 -8.15 2.15 -2.18
CA HIS A 33 -8.04 3.52 -2.67
C HIS A 33 -9.02 3.76 -3.82
N THR A 34 -8.77 3.10 -4.95
CA THR A 34 -9.63 3.25 -6.12
C THR A 34 -11.06 2.84 -5.81
N GLY A 35 -11.22 1.67 -5.20
CA GLY A 35 -12.55 1.18 -4.86
C GLY A 35 -13.22 0.48 -6.02
N GLU A 36 -12.57 -0.55 -6.56
CA GLU A 36 -13.11 -1.30 -7.68
C GLU A 36 -14.38 -2.05 -7.26
N ASN A 37 -14.29 -2.77 -6.15
CA ASN A 37 -15.43 -3.53 -5.64
C ASN A 37 -16.56 -2.60 -5.22
N PRO A 38 -17.78 -3.15 -5.15
CA PRO A 38 -18.97 -2.39 -4.76
C PRO A 38 -18.96 -2.02 -3.28
N SER A 39 -18.26 -0.93 -2.95
CA SER A 39 -18.16 -0.48 -1.57
C SER A 39 -19.54 -0.11 -1.03
N GLY A 40 -19.84 -0.59 0.18
CA GLY A 40 -21.12 -0.29 0.79
C GLY A 40 -20.99 0.54 2.05
N PRO A 41 -21.92 1.48 2.25
CA PRO A 41 -21.92 2.37 3.42
C PRO A 41 -22.26 1.63 4.70
N SER A 42 -21.57 1.98 5.78
CA SER A 42 -21.79 1.34 7.07
C SER A 42 -22.99 1.96 7.78
N SER A 43 -23.75 1.12 8.48
CA SER A 43 -24.93 1.58 9.19
C SER A 43 -24.54 2.50 10.35
N GLY A 44 -25.48 3.36 10.74
CA GLY A 44 -25.21 4.29 11.82
C GLY A 44 -24.61 3.60 13.04
ZN ZN B . -2.49 2.33 0.08
N GLY A 1 28.03 8.26 4.52
CA GLY A 1 26.81 7.55 4.82
C GLY A 1 26.81 6.14 4.25
N SER A 2 26.91 5.15 5.13
CA SER A 2 26.93 3.75 4.71
C SER A 2 25.54 3.13 4.85
N SER A 3 25.15 2.34 3.86
CA SER A 3 23.85 1.68 3.86
C SER A 3 23.95 0.25 3.36
N GLY A 4 23.41 -0.68 4.14
CA GLY A 4 23.46 -2.08 3.77
C GLY A 4 22.72 -2.98 4.74
N SER A 5 21.57 -3.49 4.33
CA SER A 5 20.77 -4.36 5.18
C SER A 5 20.21 -5.53 4.39
N SER A 6 20.35 -6.73 4.95
CA SER A 6 19.87 -7.94 4.29
C SER A 6 18.64 -8.49 5.01
N GLY A 7 18.05 -9.53 4.44
CA GLY A 7 16.87 -10.14 5.04
C GLY A 7 15.81 -10.48 4.01
N GLU A 8 14.72 -9.72 4.01
CA GLU A 8 13.62 -9.95 3.08
C GLU A 8 12.94 -8.64 2.70
N LYS A 9 13.18 -8.18 1.48
CA LYS A 9 12.60 -6.93 0.99
C LYS A 9 11.09 -6.92 1.23
N LEU A 10 10.53 -5.72 1.40
CA LEU A 10 9.10 -5.58 1.63
C LEU A 10 8.47 -4.66 0.59
N HIS A 11 7.31 -5.04 0.08
CA HIS A 11 6.61 -4.25 -0.92
C HIS A 11 5.63 -3.28 -0.26
N GLU A 12 5.95 -1.99 -0.34
CA GLU A 12 5.11 -0.96 0.25
C GLU A 12 4.15 -0.38 -0.78
N CYS A 13 3.09 0.27 -0.31
CA CYS A 13 2.10 0.88 -1.19
C CYS A 13 2.63 2.16 -1.81
N SER A 14 1.94 2.66 -2.83
CA SER A 14 2.35 3.87 -3.51
C SER A 14 1.37 5.02 -3.20
N GLU A 15 0.26 4.68 -2.56
CA GLU A 15 -0.75 5.68 -2.21
C GLU A 15 -0.59 6.11 -0.75
N CYS A 16 -0.47 5.14 0.14
CA CYS A 16 -0.30 5.43 1.56
C CYS A 16 1.11 5.11 2.04
N ARG A 17 1.87 4.43 1.18
CA ARG A 17 3.24 4.06 1.51
C ARG A 17 3.27 3.09 2.69
N LYS A 18 2.34 2.14 2.69
CA LYS A 18 2.26 1.15 3.77
C LYS A 18 2.94 -0.15 3.36
N THR A 19 3.60 -0.79 4.32
CA THR A 19 4.29 -2.04 4.07
C THR A 19 3.36 -3.23 4.23
N PHE A 20 3.69 -4.34 3.56
CA PHE A 20 2.88 -5.55 3.64
C PHE A 20 3.76 -6.79 3.70
N SER A 21 3.41 -7.70 4.60
CA SER A 21 4.18 -8.93 4.77
C SER A 21 4.52 -9.54 3.40
N PHE A 22 3.56 -9.56 2.50
CA PHE A 22 3.76 -10.11 1.17
C PHE A 22 3.16 -9.20 0.10
N HIS A 23 3.75 -9.21 -1.08
CA HIS A 23 3.27 -8.39 -2.18
C HIS A 23 1.81 -8.68 -2.48
N SER A 24 1.49 -9.95 -2.67
CA SER A 24 0.12 -10.37 -2.97
C SER A 24 -0.88 -9.48 -2.25
N GLN A 25 -0.65 -9.25 -0.96
CA GLN A 25 -1.54 -8.43 -0.16
C GLN A 25 -1.61 -7.00 -0.71
N LEU A 26 -0.46 -6.35 -0.81
CA LEU A 26 -0.38 -4.99 -1.34
C LEU A 26 -1.40 -4.78 -2.45
N VAL A 27 -1.21 -5.50 -3.56
CA VAL A 27 -2.12 -5.39 -4.70
C VAL A 27 -3.57 -5.31 -4.24
N ILE A 28 -3.94 -6.18 -3.31
CA ILE A 28 -5.30 -6.21 -2.80
C ILE A 28 -5.63 -4.93 -2.04
N HIS A 29 -4.63 -4.38 -1.36
CA HIS A 29 -4.81 -3.15 -0.59
C HIS A 29 -5.07 -1.97 -1.52
N GLN A 30 -4.17 -1.76 -2.47
CA GLN A 30 -4.29 -0.66 -3.43
C GLN A 30 -5.75 -0.49 -3.85
N ARG A 31 -6.52 -1.56 -3.78
CA ARG A 31 -7.93 -1.53 -4.16
C ARG A 31 -8.69 -0.51 -3.32
N ILE A 32 -8.65 -0.69 -2.00
CA ILE A 32 -9.34 0.22 -1.09
C ILE A 32 -9.33 1.65 -1.62
N HIS A 33 -8.24 2.03 -2.28
CA HIS A 33 -8.10 3.36 -2.84
C HIS A 33 -8.91 3.50 -4.13
N THR A 34 -8.72 2.54 -5.04
CA THR A 34 -9.42 2.55 -6.31
C THR A 34 -10.82 1.95 -6.17
N GLY A 35 -11.55 2.38 -5.15
CA GLY A 35 -12.88 1.87 -4.93
C GLY A 35 -13.96 2.85 -5.35
N GLU A 36 -15.04 2.92 -4.60
CA GLU A 36 -16.15 3.81 -4.91
C GLU A 36 -16.36 4.82 -3.78
N ASN A 37 -15.89 6.05 -3.99
CA ASN A 37 -16.03 7.10 -2.99
C ASN A 37 -16.77 8.31 -3.57
N PRO A 38 -18.10 8.17 -3.70
CA PRO A 38 -18.96 9.23 -4.24
C PRO A 38 -19.07 10.42 -3.28
N SER A 39 -18.37 10.33 -2.16
CA SER A 39 -18.41 11.41 -1.16
C SER A 39 -17.04 12.06 -1.03
N GLY A 40 -16.41 12.33 -2.18
CA GLY A 40 -15.10 12.96 -2.17
C GLY A 40 -15.04 14.18 -3.07
N PRO A 41 -14.23 15.18 -2.67
CA PRO A 41 -14.07 16.41 -3.44
C PRO A 41 -13.32 16.20 -4.74
N SER A 42 -14.07 15.87 -5.80
CA SER A 42 -13.47 15.63 -7.11
C SER A 42 -14.54 15.56 -8.19
N SER A 43 -14.19 16.01 -9.39
CA SER A 43 -15.11 16.01 -10.51
C SER A 43 -15.05 14.68 -11.27
N GLY A 44 -16.12 14.37 -11.99
CA GLY A 44 -16.16 13.13 -12.75
C GLY A 44 -15.15 13.11 -13.88
ZN ZN B . -2.31 2.27 0.00
#